data_1ON5
# 
_entry.id   1ON5 
# 
_audit_conform.dict_name       mmcif_pdbx.dic 
_audit_conform.dict_version    5.392 
_audit_conform.dict_location   http://mmcif.pdb.org/dictionaries/ascii/mmcif_pdbx.dic 
# 
loop_
_database_2.database_id 
_database_2.database_code 
_database_2.pdbx_database_accession 
_database_2.pdbx_DOI 
PDB   1ON5         pdb_00001on5 10.2210/pdb1on5/pdb 
RCSB  RCSB018462   ?            ?                   
WWPDB D_1000018462 ?            ?                   
# 
loop_
_pdbx_audit_revision_history.ordinal 
_pdbx_audit_revision_history.data_content_type 
_pdbx_audit_revision_history.major_revision 
_pdbx_audit_revision_history.minor_revision 
_pdbx_audit_revision_history.revision_date 
1 'Structure model' 1 0 2003-08-05 
2 'Structure model' 1 1 2008-04-29 
3 'Structure model' 1 2 2011-07-13 
4 'Structure model' 1 3 2022-02-23 
5 'Structure model' 1 4 2024-05-22 
# 
_pdbx_audit_revision_details.ordinal             1 
_pdbx_audit_revision_details.revision_ordinal    1 
_pdbx_audit_revision_details.data_content_type   'Structure model' 
_pdbx_audit_revision_details.provider            repository 
_pdbx_audit_revision_details.type                'Initial release' 
_pdbx_audit_revision_details.description         ? 
_pdbx_audit_revision_details.details             ? 
# 
loop_
_pdbx_audit_revision_group.ordinal 
_pdbx_audit_revision_group.revision_ordinal 
_pdbx_audit_revision_group.data_content_type 
_pdbx_audit_revision_group.group 
1 2 'Structure model' 'Version format compliance' 
2 3 'Structure model' 'Version format compliance' 
3 4 'Structure model' 'Database references'       
4 4 'Structure model' 'Derived calculations'      
5 5 'Structure model' 'Data collection'           
# 
loop_
_pdbx_audit_revision_category.ordinal 
_pdbx_audit_revision_category.revision_ordinal 
_pdbx_audit_revision_category.data_content_type 
_pdbx_audit_revision_category.category 
1 4 'Structure model' database_2            
2 4 'Structure model' pdbx_struct_assembly  
3 4 'Structure model' pdbx_struct_oper_list 
4 4 'Structure model' struct_conn           
5 4 'Structure model' struct_site           
6 5 'Structure model' chem_comp_atom        
7 5 'Structure model' chem_comp_bond        
# 
loop_
_pdbx_audit_revision_item.ordinal 
_pdbx_audit_revision_item.revision_ordinal 
_pdbx_audit_revision_item.data_content_type 
_pdbx_audit_revision_item.item 
1  4 'Structure model' '_database_2.pdbx_DOI'                
2  4 'Structure model' '_database_2.pdbx_database_accession' 
3  4 'Structure model' '_struct_conn.pdbx_dist_value'        
4  4 'Structure model' '_struct_conn.pdbx_leaving_atom_flag' 
5  4 'Structure model' '_struct_conn.ptnr1_auth_asym_id'     
6  4 'Structure model' '_struct_conn.ptnr1_auth_comp_id'     
7  4 'Structure model' '_struct_conn.ptnr1_auth_seq_id'      
8  4 'Structure model' '_struct_conn.ptnr1_label_asym_id'    
9  4 'Structure model' '_struct_conn.ptnr1_label_atom_id'    
10 4 'Structure model' '_struct_conn.ptnr1_label_comp_id'    
11 4 'Structure model' '_struct_conn.ptnr1_label_seq_id'     
12 4 'Structure model' '_struct_conn.ptnr2_auth_asym_id'     
13 4 'Structure model' '_struct_conn.ptnr2_auth_comp_id'     
14 4 'Structure model' '_struct_conn.ptnr2_auth_seq_id'      
15 4 'Structure model' '_struct_conn.ptnr2_label_asym_id'    
16 4 'Structure model' '_struct_conn.ptnr2_label_atom_id'    
17 4 'Structure model' '_struct_conn.ptnr2_label_comp_id'    
18 4 'Structure model' '_struct_conn.ptnr2_label_seq_id'     
19 4 'Structure model' '_struct_site.pdbx_auth_asym_id'      
20 4 'Structure model' '_struct_site.pdbx_auth_comp_id'      
21 4 'Structure model' '_struct_site.pdbx_auth_seq_id'       
# 
_pdbx_database_status.status_code                     REL 
_pdbx_database_status.entry_id                        1ON5 
_pdbx_database_status.recvd_initial_deposition_date   2003-02-27 
_pdbx_database_status.deposit_site                    RCSB 
_pdbx_database_status.process_site                    RCSB 
_pdbx_database_status.SG_entry                        . 
_pdbx_database_status.pdb_format_compatible           Y 
_pdbx_database_status.status_code_mr                  ? 
_pdbx_database_status.status_code_sf                  ? 
_pdbx_database_status.status_code_cs                  ? 
_pdbx_database_status.status_code_nmr_data            ? 
_pdbx_database_status.methods_development_category    ? 
# 
loop_
_audit_author.name 
_audit_author.pdbx_ordinal 
'Tuma, J.'    1 
'Richert, C.' 2 
# 
_citation.id                        primary 
_citation.title                     
'Solution Structure of a Steroid-DNA Complex with Cholic Acid Residues Sealing the Termini of a Watson-Crick Duplex' 
_citation.journal_abbrev            Biochemistry 
_citation.journal_volume            42 
_citation.page_first                8957 
_citation.page_last                 8965 
_citation.year                      2003 
_citation.journal_id_ASTM           BICHAW 
_citation.country                   US 
_citation.journal_id_ISSN           0006-2960 
_citation.journal_id_CSD            0033 
_citation.book_publisher            ? 
_citation.pdbx_database_id_PubMed   12885228 
_citation.pdbx_database_id_DOI      10.1021/bi030056g 
# 
loop_
_citation_author.citation_id 
_citation_author.name 
_citation_author.ordinal 
_citation_author.identifier_ORCID 
primary 'Tuma, J.'    1 ? 
primary 'Richert, C.' 2 ? 
# 
loop_
_entity.id 
_entity.type 
_entity.src_method 
_entity.pdbx_description 
_entity.formula_weight 
_entity.pdbx_number_of_molecules 
_entity.pdbx_ec 
_entity.pdbx_mutation 
_entity.pdbx_fragment 
_entity.details 
1 polymer     syn 'Steroid-DNA hybrid' 1728.254 2 ? ? ? ? 
2 non-polymer syn 'CHOLIC ACID'        408.571  2 ? ? ? ? 
# 
_entity_poly.entity_id                      1 
_entity_poly.type                           polydeoxyribonucleotide 
_entity_poly.nstd_linkage                   no 
_entity_poly.nstd_monomer                   yes 
_entity_poly.pdbx_seq_one_letter_code       '(5AT)(DG)(DC)(DG)(DC)(DA)' 
_entity_poly.pdbx_seq_one_letter_code_can   TGCGCA 
_entity_poly.pdbx_strand_id                 A,B 
_entity_poly.pdbx_target_identifier         ? 
# 
_pdbx_entity_nonpoly.entity_id   2 
_pdbx_entity_nonpoly.name        'CHOLIC ACID' 
_pdbx_entity_nonpoly.comp_id     CHD 
# 
loop_
_entity_poly_seq.entity_id 
_entity_poly_seq.num 
_entity_poly_seq.mon_id 
_entity_poly_seq.hetero 
1 1 5AT n 
1 2 DG  n 
1 3 DC  n 
1 4 DG  n 
1 5 DC  n 
1 6 DA  n 
# 
_pdbx_entity_src_syn.entity_id              1 
_pdbx_entity_src_syn.pdbx_src_id            1 
_pdbx_entity_src_syn.pdbx_alt_source_flag   sample 
_pdbx_entity_src_syn.pdbx_beg_seq_num       ? 
_pdbx_entity_src_syn.pdbx_end_seq_num       ? 
_pdbx_entity_src_syn.organism_scientific    ? 
_pdbx_entity_src_syn.organism_common_name   ? 
_pdbx_entity_src_syn.ncbi_taxonomy_id       ? 
_pdbx_entity_src_syn.details                'Synthesis of the DNA fragment by the authors.' 
# 
loop_
_chem_comp.id 
_chem_comp.type 
_chem_comp.mon_nstd_flag 
_chem_comp.name 
_chem_comp.pdbx_synonyms 
_chem_comp.formula 
_chem_comp.formula_weight 
5AT 'DNA linking' n "5'-AMINO-5'-DEOXYTHYMIDINE"         ? 'C10 H15 N3 O4'   241.244 
CHD non-polymer   . 'CHOLIC ACID'                        ? 'C24 H40 O5'      408.571 
DA  'DNA linking' y "2'-DEOXYADENOSINE-5'-MONOPHOSPHATE" ? 'C10 H14 N5 O6 P' 331.222 
DC  'DNA linking' y "2'-DEOXYCYTIDINE-5'-MONOPHOSPHATE"  ? 'C9 H14 N3 O7 P'  307.197 
DG  'DNA linking' y "2'-DEOXYGUANOSINE-5'-MONOPHOSPHATE" ? 'C10 H14 N5 O7 P' 347.221 
# 
loop_
_pdbx_poly_seq_scheme.asym_id 
_pdbx_poly_seq_scheme.entity_id 
_pdbx_poly_seq_scheme.seq_id 
_pdbx_poly_seq_scheme.mon_id 
_pdbx_poly_seq_scheme.ndb_seq_num 
_pdbx_poly_seq_scheme.pdb_seq_num 
_pdbx_poly_seq_scheme.auth_seq_num 
_pdbx_poly_seq_scheme.pdb_mon_id 
_pdbx_poly_seq_scheme.auth_mon_id 
_pdbx_poly_seq_scheme.pdb_strand_id 
_pdbx_poly_seq_scheme.pdb_ins_code 
_pdbx_poly_seq_scheme.hetero 
A 1 1 5AT 1 2 2 5AT 5AT A . n 
A 1 2 DG  2 3 3 DG  G   A . n 
A 1 3 DC  3 4 4 DC  C   A . n 
A 1 4 DG  4 5 5 DG  G   A . n 
A 1 5 DC  5 6 6 DC  C   A . n 
A 1 6 DA  6 7 7 DA  A   A . n 
B 1 1 5AT 1 2 2 5AT 5AT B . n 
B 1 2 DG  2 3 3 DG  G   B . n 
B 1 3 DC  3 4 4 DC  C   B . n 
B 1 4 DG  4 5 5 DG  G   B . n 
B 1 5 DC  5 6 6 DC  C   B . n 
B 1 6 DA  6 7 7 DA  A   B . n 
# 
loop_
_pdbx_nonpoly_scheme.asym_id 
_pdbx_nonpoly_scheme.entity_id 
_pdbx_nonpoly_scheme.mon_id 
_pdbx_nonpoly_scheme.ndb_seq_num 
_pdbx_nonpoly_scheme.pdb_seq_num 
_pdbx_nonpoly_scheme.auth_seq_num 
_pdbx_nonpoly_scheme.pdb_mon_id 
_pdbx_nonpoly_scheme.auth_mon_id 
_pdbx_nonpoly_scheme.pdb_strand_id 
_pdbx_nonpoly_scheme.pdb_ins_code 
C 2 CHD 1 1 1 CHD CHD A . 
D 2 CHD 1 1 1 CHD CHD B . 
# 
_exptl.entry_id          1ON5 
_exptl.method            'SOLUTION NMR' 
_exptl.crystals_number   ? 
# 
_exptl_crystal.id                    1 
_exptl_crystal.density_meas          ? 
_exptl_crystal.density_Matthews      ? 
_exptl_crystal.density_percent_sol   ? 
_exptl_crystal.description           ? 
# 
_diffrn.id                     1 
_diffrn.ambient_temp           ? 
_diffrn.ambient_temp_details   ? 
_diffrn.crystal_id             1 
# 
_diffrn_radiation.diffrn_id                        1 
_diffrn_radiation.wavelength_id                    1 
_diffrn_radiation.pdbx_monochromatic_or_laue_m_l   M 
_diffrn_radiation.monochromator                    ? 
_diffrn_radiation.pdbx_diffrn_protocol             'SINGLE WAVELENGTH' 
_diffrn_radiation.pdbx_scattering_type             ? 
# 
_diffrn_radiation_wavelength.id           1 
_diffrn_radiation_wavelength.wavelength   . 
_diffrn_radiation_wavelength.wt           1.0 
# 
_struct.entry_id                  1ON5 
_struct.title                     'SOLUTION STRUCTURE OF A CHOLIC ACID-CAPPED DNA DUPLEX' 
_struct.pdbx_model_details        ? 
_struct.pdbx_CASP_flag            ? 
_struct.pdbx_model_type_details   ? 
# 
_struct_keywords.entry_id        1ON5 
_struct_keywords.pdbx_keywords   DNA 
_struct_keywords.text            'DNA, steroid, synthetic hybrid' 
# 
loop_
_struct_asym.id 
_struct_asym.pdbx_blank_PDB_chainid_flag 
_struct_asym.pdbx_modified 
_struct_asym.entity_id 
_struct_asym.details 
A N N 1 ? 
B N N 1 ? 
C N N 2 ? 
D N N 2 ? 
# 
_struct_ref.id                         1 
_struct_ref.entity_id                  1 
_struct_ref.db_name                    PDB 
_struct_ref.db_code                    1ON5 
_struct_ref.pdbx_db_accession          1ON5 
_struct_ref.pdbx_db_isoform            ? 
_struct_ref.pdbx_seq_one_letter_code   ? 
_struct_ref.pdbx_align_begin           ? 
# 
loop_
_struct_ref_seq.align_id 
_struct_ref_seq.ref_id 
_struct_ref_seq.pdbx_PDB_id_code 
_struct_ref_seq.pdbx_strand_id 
_struct_ref_seq.seq_align_beg 
_struct_ref_seq.pdbx_seq_align_beg_ins_code 
_struct_ref_seq.seq_align_end 
_struct_ref_seq.pdbx_seq_align_end_ins_code 
_struct_ref_seq.pdbx_db_accession 
_struct_ref_seq.db_align_beg 
_struct_ref_seq.pdbx_db_align_beg_ins_code 
_struct_ref_seq.db_align_end 
_struct_ref_seq.pdbx_db_align_end_ins_code 
_struct_ref_seq.pdbx_auth_seq_align_beg 
_struct_ref_seq.pdbx_auth_seq_align_end 
1 1 1ON5 A 1 ? 6 ? 1ON5 2 ? 7 ? 2 7 
2 1 1ON5 B 1 ? 6 ? 1ON5 2 ? 7 ? 2 7 
# 
_pdbx_struct_assembly.id                   1 
_pdbx_struct_assembly.details              author_defined_assembly 
_pdbx_struct_assembly.method_details       ? 
_pdbx_struct_assembly.oligomeric_details   dimeric 
_pdbx_struct_assembly.oligomeric_count     2 
# 
_pdbx_struct_assembly_gen.assembly_id       1 
_pdbx_struct_assembly_gen.oper_expression   1 
_pdbx_struct_assembly_gen.asym_id_list      A,B,C,D 
# 
_pdbx_struct_oper_list.id                   1 
_pdbx_struct_oper_list.type                 'identity operation' 
_pdbx_struct_oper_list.name                 1_555 
_pdbx_struct_oper_list.symmetry_operation   x,y,z 
_pdbx_struct_oper_list.matrix[1][1]         1.0000000000 
_pdbx_struct_oper_list.matrix[1][2]         0.0000000000 
_pdbx_struct_oper_list.matrix[1][3]         0.0000000000 
_pdbx_struct_oper_list.vector[1]            0.0000000000 
_pdbx_struct_oper_list.matrix[2][1]         0.0000000000 
_pdbx_struct_oper_list.matrix[2][2]         1.0000000000 
_pdbx_struct_oper_list.matrix[2][3]         0.0000000000 
_pdbx_struct_oper_list.vector[2]            0.0000000000 
_pdbx_struct_oper_list.matrix[3][1]         0.0000000000 
_pdbx_struct_oper_list.matrix[3][2]         0.0000000000 
_pdbx_struct_oper_list.matrix[3][3]         1.0000000000 
_pdbx_struct_oper_list.vector[3]            0.0000000000 
# 
_struct_biol.id   1 
# 
loop_
_struct_conn.id 
_struct_conn.conn_type_id 
_struct_conn.pdbx_leaving_atom_flag 
_struct_conn.pdbx_PDB_id 
_struct_conn.ptnr1_label_asym_id 
_struct_conn.ptnr1_label_comp_id 
_struct_conn.ptnr1_label_seq_id 
_struct_conn.ptnr1_label_atom_id 
_struct_conn.pdbx_ptnr1_label_alt_id 
_struct_conn.pdbx_ptnr1_PDB_ins_code 
_struct_conn.pdbx_ptnr1_standard_comp_id 
_struct_conn.ptnr1_symmetry 
_struct_conn.ptnr2_label_asym_id 
_struct_conn.ptnr2_label_comp_id 
_struct_conn.ptnr2_label_seq_id 
_struct_conn.ptnr2_label_atom_id 
_struct_conn.pdbx_ptnr2_label_alt_id 
_struct_conn.pdbx_ptnr2_PDB_ins_code 
_struct_conn.ptnr1_auth_asym_id 
_struct_conn.ptnr1_auth_comp_id 
_struct_conn.ptnr1_auth_seq_id 
_struct_conn.ptnr2_auth_asym_id 
_struct_conn.ptnr2_auth_comp_id 
_struct_conn.ptnr2_auth_seq_id 
_struct_conn.ptnr2_symmetry 
_struct_conn.pdbx_ptnr3_label_atom_id 
_struct_conn.pdbx_ptnr3_label_seq_id 
_struct_conn.pdbx_ptnr3_label_comp_id 
_struct_conn.pdbx_ptnr3_label_asym_id 
_struct_conn.pdbx_ptnr3_label_alt_id 
_struct_conn.pdbx_ptnr3_PDB_ins_code 
_struct_conn.details 
_struct_conn.pdbx_dist_value 
_struct_conn.pdbx_value_order 
_struct_conn.pdbx_role 
covale1  covale none ? C CHD . C24   ? ? ? 1_555 A 5AT 1 "N5'" ? ? A CHD 1 A 5AT 2 1_555 ? ? ? ? ? ? ?            1.460 ? ? 
covale2  covale both ? A 5AT 1 "O3'" ? ? ? 1_555 A DG  2 P     ? ? A 5AT 2 A DG  3 1_555 ? ? ? ? ? ? ?            1.609 ? ? 
covale3  covale none ? D CHD . C24   ? ? ? 1_555 B 5AT 1 "N5'" ? ? B CHD 1 B 5AT 2 1_555 ? ? ? ? ? ? ?            1.460 ? ? 
covale4  covale both ? B 5AT 1 "O3'" ? ? ? 1_555 B DG  2 P     ? ? B 5AT 2 B DG  3 1_555 ? ? ? ? ? ? ?            1.610 ? ? 
hydrog1  hydrog ?    ? A 5AT 1 N3    ? ? ? 1_555 B DA  6 N1    ? ? A 5AT 2 B DA  7 1_555 ? ? ? ? ? ? WATSON-CRICK ?     ? ? 
hydrog2  hydrog ?    ? A 5AT 1 O4    ? ? ? 1_555 B DA  6 N6    ? ? A 5AT 2 B DA  7 1_555 ? ? ? ? ? ? WATSON-CRICK ?     ? ? 
hydrog3  hydrog ?    ? A DG  2 N1    ? ? ? 1_555 B DC  5 N3    ? ? A DG  3 B DC  6 1_555 ? ? ? ? ? ? WATSON-CRICK ?     ? ? 
hydrog4  hydrog ?    ? A DG  2 N2    ? ? ? 1_555 B DC  5 O2    ? ? A DG  3 B DC  6 1_555 ? ? ? ? ? ? WATSON-CRICK ?     ? ? 
hydrog5  hydrog ?    ? A DG  2 O6    ? ? ? 1_555 B DC  5 N4    ? ? A DG  3 B DC  6 1_555 ? ? ? ? ? ? WATSON-CRICK ?     ? ? 
hydrog6  hydrog ?    ? A DC  3 N3    ? ? ? 1_555 B DG  4 N1    ? ? A DC  4 B DG  5 1_555 ? ? ? ? ? ? WATSON-CRICK ?     ? ? 
hydrog7  hydrog ?    ? A DC  3 N4    ? ? ? 1_555 B DG  4 O6    ? ? A DC  4 B DG  5 1_555 ? ? ? ? ? ? WATSON-CRICK ?     ? ? 
hydrog8  hydrog ?    ? A DC  3 O2    ? ? ? 1_555 B DG  4 N2    ? ? A DC  4 B DG  5 1_555 ? ? ? ? ? ? WATSON-CRICK ?     ? ? 
hydrog9  hydrog ?    ? A DG  4 N1    ? ? ? 1_555 B DC  3 N3    ? ? A DG  5 B DC  4 1_555 ? ? ? ? ? ? WATSON-CRICK ?     ? ? 
hydrog10 hydrog ?    ? A DG  4 N2    ? ? ? 1_555 B DC  3 O2    ? ? A DG  5 B DC  4 1_555 ? ? ? ? ? ? WATSON-CRICK ?     ? ? 
hydrog11 hydrog ?    ? A DG  4 O6    ? ? ? 1_555 B DC  3 N4    ? ? A DG  5 B DC  4 1_555 ? ? ? ? ? ? WATSON-CRICK ?     ? ? 
hydrog12 hydrog ?    ? A DC  5 N3    ? ? ? 1_555 B DG  2 N1    ? ? A DC  6 B DG  3 1_555 ? ? ? ? ? ? WATSON-CRICK ?     ? ? 
hydrog13 hydrog ?    ? A DC  5 N4    ? ? ? 1_555 B DG  2 O6    ? ? A DC  6 B DG  3 1_555 ? ? ? ? ? ? WATSON-CRICK ?     ? ? 
hydrog14 hydrog ?    ? A DC  5 O2    ? ? ? 1_555 B DG  2 N2    ? ? A DC  6 B DG  3 1_555 ? ? ? ? ? ? WATSON-CRICK ?     ? ? 
hydrog15 hydrog ?    ? A DA  6 N1    ? ? ? 1_555 B 5AT 1 N3    ? ? A DA  7 B 5AT 2 1_555 ? ? ? ? ? ? WATSON-CRICK ?     ? ? 
hydrog16 hydrog ?    ? A DA  6 N6    ? ? ? 1_555 B 5AT 1 O4    ? ? A DA  7 B 5AT 2 1_555 ? ? ? ? ? ? WATSON-CRICK ?     ? ? 
# 
loop_
_struct_conn_type.id 
_struct_conn_type.criteria 
_struct_conn_type.reference 
covale ? ? 
hydrog ? ? 
# 
loop_
_struct_site.id 
_struct_site.pdbx_evidence_code 
_struct_site.pdbx_auth_asym_id 
_struct_site.pdbx_auth_comp_id 
_struct_site.pdbx_auth_seq_id 
_struct_site.pdbx_auth_ins_code 
_struct_site.pdbx_num_residues 
_struct_site.details 
AC1 Software A CHD 1 ? 2 'BINDING SITE FOR RESIDUE CHD A 1' 
AC2 Software B CHD 1 ? 2 'BINDING SITE FOR RESIDUE CHD B 1' 
# 
loop_
_struct_site_gen.id 
_struct_site_gen.site_id 
_struct_site_gen.pdbx_num_res 
_struct_site_gen.label_comp_id 
_struct_site_gen.label_asym_id 
_struct_site_gen.label_seq_id 
_struct_site_gen.pdbx_auth_ins_code 
_struct_site_gen.auth_comp_id 
_struct_site_gen.auth_asym_id 
_struct_site_gen.auth_seq_id 
_struct_site_gen.label_atom_id 
_struct_site_gen.label_alt_id 
_struct_site_gen.symmetry 
_struct_site_gen.details 
1 AC1 2 5AT A 1 ? 5AT A 2 . ? 1_555 ? 
2 AC1 2 DA  B 6 ? DA  B 7 . ? 1_555 ? 
3 AC2 2 DA  A 6 ? DA  A 7 . ? 1_555 ? 
4 AC2 2 5AT B 1 ? 5AT B 2 . ? 1_555 ? 
# 
loop_
_pdbx_struct_mod_residue.id 
_pdbx_struct_mod_residue.label_asym_id 
_pdbx_struct_mod_residue.label_comp_id 
_pdbx_struct_mod_residue.label_seq_id 
_pdbx_struct_mod_residue.auth_asym_id 
_pdbx_struct_mod_residue.auth_comp_id 
_pdbx_struct_mod_residue.auth_seq_id 
_pdbx_struct_mod_residue.PDB_ins_code 
_pdbx_struct_mod_residue.parent_comp_id 
_pdbx_struct_mod_residue.details 
1 A 5AT 1 A 5AT 2 ? DT "5'-AMINO-5'-DEOXYTHYMIDINE" 
2 B 5AT 1 B 5AT 2 ? DT "5'-AMINO-5'-DEOXYTHYMIDINE" 
# 
_pdbx_nmr_ensemble.entry_id                             1ON5 
_pdbx_nmr_ensemble.conformers_calculated_total_number   ? 
_pdbx_nmr_ensemble.conformers_submitted_total_number    1 
_pdbx_nmr_ensemble.conformer_selection_criteria         ? 
# 
_pdbx_nmr_representative.entry_id             1ON5 
_pdbx_nmr_representative.conformer_id         1 
_pdbx_nmr_representative.selection_criteria   'lowest energy' 
# 
loop_
_pdbx_nmr_sample_details.solution_id 
_pdbx_nmr_sample_details.contents 
_pdbx_nmr_sample_details.solvent_system 
1 'analyte buffer, salt' D2O              
2 'analyte buffer, salt' 'H2O/D2O(85:15)' 
# 
loop_
_pdbx_nmr_exptl_sample.solution_id 
_pdbx_nmr_exptl_sample.component 
_pdbx_nmr_exptl_sample.concentration 
_pdbx_nmr_exptl_sample.concentration_units 
_pdbx_nmr_exptl_sample.isotopic_labeling 
1 'analyte buffer, salt, D2O'            ? % ? 
2 'analyte buffer, salt, H2O/D2O(85:15)' ? % ? 
# 
loop_
_pdbx_nmr_exptl_sample_conditions.conditions_id 
_pdbx_nmr_exptl_sample_conditions.temperature 
_pdbx_nmr_exptl_sample_conditions.pressure 
_pdbx_nmr_exptl_sample_conditions.pH 
_pdbx_nmr_exptl_sample_conditions.ionic_strength 
_pdbx_nmr_exptl_sample_conditions.pressure_units 
_pdbx_nmr_exptl_sample_conditions.temperature_units 
1 286 ambient 7 '165mM Phosphate buffer (KH2PO4/K2HPO4), NaCl at pH 7 (uncorrected for deuterium effect)' ? K 
2 286 ambient 7 '165mM Phosphate buffer (KH2PO4/K2HPO4), NaCl at pH 7 (uncorrected for deuterium effect)' ? K 
# 
loop_
_pdbx_nmr_exptl.experiment_id 
_pdbx_nmr_exptl.solution_id 
_pdbx_nmr_exptl.conditions_id 
_pdbx_nmr_exptl.type 
1 1 1 '2D NOESY, DQF-COSY, TOCSY, HMQC, HMBC' 
2 2 2 '2D NOESY'                              
# 
_pdbx_nmr_refine.entry_id           1ON5 
_pdbx_nmr_refine.method             'Torsion-Angle Molecular Dynamics' 
_pdbx_nmr_refine.details            ? 
_pdbx_nmr_refine.software_ordinal   1 
# 
loop_
_pdbx_nmr_software.name 
_pdbx_nmr_software.version 
_pdbx_nmr_software.classification 
_pdbx_nmr_software.authors 
_pdbx_nmr_software.ordinal 
CNS 1.0 'structure solution' Brunger 1 
CNS 1.0 refinement           Brunger 2 
# 
loop_
_chem_comp_atom.comp_id 
_chem_comp_atom.atom_id 
_chem_comp_atom.type_symbol 
_chem_comp_atom.pdbx_aromatic_flag 
_chem_comp_atom.pdbx_stereo_config 
_chem_comp_atom.pdbx_ordinal 
5AT "N5'"  N N N 1   
5AT N1     N N N 2   
5AT C6     C N N 3   
5AT C2     C N N 4   
5AT O2     O N N 5   
5AT N3     N N N 6   
5AT C4     C N N 7   
5AT O4     O N N 8   
5AT C5     C N N 9   
5AT C7     C N N 10  
5AT "C2'"  C N N 11  
5AT "C5'"  C N N 12  
5AT "C4'"  C N R 13  
5AT "O4'"  O N N 14  
5AT "C1'"  C N R 15  
5AT "C3'"  C N S 16  
5AT "O3'"  O N N 17  
5AT HN51   H N N 18  
5AT HN52   H N N 19  
5AT H6     H N N 20  
5AT H3     H N N 21  
5AT H71    H N N 22  
5AT H72    H N N 23  
5AT H73    H N N 24  
5AT "H2'"  H N N 25  
5AT "H2''" H N N 26  
5AT "H5'"  H N N 27  
5AT "H5''" H N N 28  
5AT "H4'"  H N N 29  
5AT "H1'"  H N N 30  
5AT "H3'"  H N N 31  
5AT "HO3'" H N N 32  
CHD C1     C N N 33  
CHD C2     C N N 34  
CHD C3     C N R 35  
CHD O3     O N N 36  
CHD C4     C N N 37  
CHD C5     C N S 38  
CHD C6     C N N 39  
CHD C7     C N R 40  
CHD O7     O N N 41  
CHD C8     C N R 42  
CHD C9     C N S 43  
CHD C10    C N S 44  
CHD C11    C N N 45  
CHD C12    C N S 46  
CHD O12    O N N 47  
CHD C13    C N R 48  
CHD C14    C N S 49  
CHD C15    C N N 50  
CHD C16    C N N 51  
CHD C17    C N R 52  
CHD C18    C N N 53  
CHD C19    C N N 54  
CHD C20    C N R 55  
CHD C21    C N N 56  
CHD C22    C N N 57  
CHD C23    C N N 58  
CHD O25    O N N 59  
CHD C24    C N N 60  
CHD O26    O N N 61  
CHD H11    H N N 62  
CHD H12A   H N N 63  
CHD H21    H N N 64  
CHD H22    H N N 65  
CHD H3     H N N 66  
CHD HO3    H N N 67  
CHD H41    H N N 68  
CHD H42    H N N 69  
CHD H5     H N N 70  
CHD H61    H N N 71  
CHD H62    H N N 72  
CHD H7     H N N 73  
CHD HO7    H N N 74  
CHD H8     H N N 75  
CHD H9     H N N 76  
CHD H111   H N N 77  
CHD H112   H N N 78  
CHD H12    H N N 79  
CHD HO12   H N N 80  
CHD H14    H N N 81  
CHD H151   H N N 82  
CHD H152   H N N 83  
CHD H161   H N N 84  
CHD H162   H N N 85  
CHD H17    H N N 86  
CHD H181   H N N 87  
CHD H182   H N N 88  
CHD H183   H N N 89  
CHD H191   H N N 90  
CHD H192   H N N 91  
CHD H193   H N N 92  
CHD H20    H N N 93  
CHD H211   H N N 94  
CHD H212   H N N 95  
CHD H213   H N N 96  
CHD H221   H N N 97  
CHD H222   H N N 98  
CHD H231   H N N 99  
CHD H232   H N N 100 
CHD H26    H N N 101 
DA  OP3    O N N 102 
DA  P      P N N 103 
DA  OP1    O N N 104 
DA  OP2    O N N 105 
DA  "O5'"  O N N 106 
DA  "C5'"  C N N 107 
DA  "C4'"  C N R 108 
DA  "O4'"  O N N 109 
DA  "C3'"  C N S 110 
DA  "O3'"  O N N 111 
DA  "C2'"  C N N 112 
DA  "C1'"  C N R 113 
DA  N9     N Y N 114 
DA  C8     C Y N 115 
DA  N7     N Y N 116 
DA  C5     C Y N 117 
DA  C6     C Y N 118 
DA  N6     N N N 119 
DA  N1     N Y N 120 
DA  C2     C Y N 121 
DA  N3     N Y N 122 
DA  C4     C Y N 123 
DA  HOP3   H N N 124 
DA  HOP2   H N N 125 
DA  "H5'"  H N N 126 
DA  "H5''" H N N 127 
DA  "H4'"  H N N 128 
DA  "H3'"  H N N 129 
DA  "HO3'" H N N 130 
DA  "H2'"  H N N 131 
DA  "H2''" H N N 132 
DA  "H1'"  H N N 133 
DA  H8     H N N 134 
DA  H61    H N N 135 
DA  H62    H N N 136 
DA  H2     H N N 137 
DC  OP3    O N N 138 
DC  P      P N N 139 
DC  OP1    O N N 140 
DC  OP2    O N N 141 
DC  "O5'"  O N N 142 
DC  "C5'"  C N N 143 
DC  "C4'"  C N R 144 
DC  "O4'"  O N N 145 
DC  "C3'"  C N S 146 
DC  "O3'"  O N N 147 
DC  "C2'"  C N N 148 
DC  "C1'"  C N R 149 
DC  N1     N N N 150 
DC  C2     C N N 151 
DC  O2     O N N 152 
DC  N3     N N N 153 
DC  C4     C N N 154 
DC  N4     N N N 155 
DC  C5     C N N 156 
DC  C6     C N N 157 
DC  HOP3   H N N 158 
DC  HOP2   H N N 159 
DC  "H5'"  H N N 160 
DC  "H5''" H N N 161 
DC  "H4'"  H N N 162 
DC  "H3'"  H N N 163 
DC  "HO3'" H N N 164 
DC  "H2'"  H N N 165 
DC  "H2''" H N N 166 
DC  "H1'"  H N N 167 
DC  H41    H N N 168 
DC  H42    H N N 169 
DC  H5     H N N 170 
DC  H6     H N N 171 
DG  OP3    O N N 172 
DG  P      P N N 173 
DG  OP1    O N N 174 
DG  OP2    O N N 175 
DG  "O5'"  O N N 176 
DG  "C5'"  C N N 177 
DG  "C4'"  C N R 178 
DG  "O4'"  O N N 179 
DG  "C3'"  C N S 180 
DG  "O3'"  O N N 181 
DG  "C2'"  C N N 182 
DG  "C1'"  C N R 183 
DG  N9     N Y N 184 
DG  C8     C Y N 185 
DG  N7     N Y N 186 
DG  C5     C Y N 187 
DG  C6     C N N 188 
DG  O6     O N N 189 
DG  N1     N N N 190 
DG  C2     C N N 191 
DG  N2     N N N 192 
DG  N3     N N N 193 
DG  C4     C Y N 194 
DG  HOP3   H N N 195 
DG  HOP2   H N N 196 
DG  "H5'"  H N N 197 
DG  "H5''" H N N 198 
DG  "H4'"  H N N 199 
DG  "H3'"  H N N 200 
DG  "HO3'" H N N 201 
DG  "H2'"  H N N 202 
DG  "H2''" H N N 203 
DG  "H1'"  H N N 204 
DG  H8     H N N 205 
DG  H1     H N N 206 
DG  H21    H N N 207 
DG  H22    H N N 208 
# 
loop_
_chem_comp_bond.comp_id 
_chem_comp_bond.atom_id_1 
_chem_comp_bond.atom_id_2 
_chem_comp_bond.value_order 
_chem_comp_bond.pdbx_aromatic_flag 
_chem_comp_bond.pdbx_stereo_config 
_chem_comp_bond.pdbx_ordinal 
5AT "N5'" "C5'"  sing N N 1   
5AT "N5'" HN51   sing N N 2   
5AT "N5'" HN52   sing N N 3   
5AT N1    C6     sing N N 4   
5AT N1    C2     sing N N 5   
5AT N1    "C1'"  sing N N 6   
5AT C6    C5     doub N N 7   
5AT C6    H6     sing N N 8   
5AT C2    O2     doub N N 9   
5AT C2    N3     sing N N 10  
5AT N3    C4     sing N N 11  
5AT N3    H3     sing N N 12  
5AT C4    O4     doub N N 13  
5AT C4    C5     sing N N 14  
5AT C5    C7     sing N N 15  
5AT C7    H71    sing N N 16  
5AT C7    H72    sing N N 17  
5AT C7    H73    sing N N 18  
5AT "C2'" "C1'"  sing N N 19  
5AT "C2'" "C3'"  sing N N 20  
5AT "C2'" "H2'"  sing N N 21  
5AT "C2'" "H2''" sing N N 22  
5AT "C5'" "C4'"  sing N N 23  
5AT "C5'" "H5'"  sing N N 24  
5AT "C5'" "H5''" sing N N 25  
5AT "C4'" "O4'"  sing N N 26  
5AT "C4'" "C3'"  sing N N 27  
5AT "C4'" "H4'"  sing N N 28  
5AT "O4'" "C1'"  sing N N 29  
5AT "C1'" "H1'"  sing N N 30  
5AT "C3'" "O3'"  sing N N 31  
5AT "C3'" "H3'"  sing N N 32  
5AT "O3'" "HO3'" sing N N 33  
CHD C1    C2     sing N N 34  
CHD C1    C10    sing N N 35  
CHD C1    H11    sing N N 36  
CHD C1    H12A   sing N N 37  
CHD C2    C3     sing N N 38  
CHD C2    H21    sing N N 39  
CHD C2    H22    sing N N 40  
CHD C3    O3     sing N N 41  
CHD C3    C4     sing N N 42  
CHD C3    H3     sing N N 43  
CHD O3    HO3    sing N N 44  
CHD C4    C5     sing N N 45  
CHD C4    H41    sing N N 46  
CHD C4    H42    sing N N 47  
CHD C5    C6     sing N N 48  
CHD C5    C10    sing N N 49  
CHD C5    H5     sing N N 50  
CHD C6    C7     sing N N 51  
CHD C6    H61    sing N N 52  
CHD C6    H62    sing N N 53  
CHD C7    O7     sing N N 54  
CHD C7    C8     sing N N 55  
CHD C7    H7     sing N N 56  
CHD O7    HO7    sing N N 57  
CHD C8    C9     sing N N 58  
CHD C8    C14    sing N N 59  
CHD C8    H8     sing N N 60  
CHD C9    C10    sing N N 61  
CHD C9    C11    sing N N 62  
CHD C9    H9     sing N N 63  
CHD C10   C19    sing N N 64  
CHD C11   C12    sing N N 65  
CHD C11   H111   sing N N 66  
CHD C11   H112   sing N N 67  
CHD C12   O12    sing N N 68  
CHD C12   C13    sing N N 69  
CHD C12   H12    sing N N 70  
CHD O12   HO12   sing N N 71  
CHD C13   C14    sing N N 72  
CHD C13   C17    sing N N 73  
CHD C13   C18    sing N N 74  
CHD C14   C15    sing N N 75  
CHD C14   H14    sing N N 76  
CHD C15   C16    sing N N 77  
CHD C15   H151   sing N N 78  
CHD C15   H152   sing N N 79  
CHD C16   C17    sing N N 80  
CHD C16   H161   sing N N 81  
CHD C16   H162   sing N N 82  
CHD C17   C20    sing N N 83  
CHD C17   H17    sing N N 84  
CHD C18   H181   sing N N 85  
CHD C18   H182   sing N N 86  
CHD C18   H183   sing N N 87  
CHD C19   H191   sing N N 88  
CHD C19   H192   sing N N 89  
CHD C19   H193   sing N N 90  
CHD C20   C21    sing N N 91  
CHD C20   C22    sing N N 92  
CHD C20   H20    sing N N 93  
CHD C21   H211   sing N N 94  
CHD C21   H212   sing N N 95  
CHD C21   H213   sing N N 96  
CHD C22   C23    sing N N 97  
CHD C22   H221   sing N N 98  
CHD C22   H222   sing N N 99  
CHD C23   C24    sing N N 100 
CHD C23   H231   sing N N 101 
CHD C23   H232   sing N N 102 
CHD O25   C24    doub N N 103 
CHD C24   O26    sing N N 104 
CHD O26   H26    sing N N 105 
DA  OP3   P      sing N N 106 
DA  OP3   HOP3   sing N N 107 
DA  P     OP1    doub N N 108 
DA  P     OP2    sing N N 109 
DA  P     "O5'"  sing N N 110 
DA  OP2   HOP2   sing N N 111 
DA  "O5'" "C5'"  sing N N 112 
DA  "C5'" "C4'"  sing N N 113 
DA  "C5'" "H5'"  sing N N 114 
DA  "C5'" "H5''" sing N N 115 
DA  "C4'" "O4'"  sing N N 116 
DA  "C4'" "C3'"  sing N N 117 
DA  "C4'" "H4'"  sing N N 118 
DA  "O4'" "C1'"  sing N N 119 
DA  "C3'" "O3'"  sing N N 120 
DA  "C3'" "C2'"  sing N N 121 
DA  "C3'" "H3'"  sing N N 122 
DA  "O3'" "HO3'" sing N N 123 
DA  "C2'" "C1'"  sing N N 124 
DA  "C2'" "H2'"  sing N N 125 
DA  "C2'" "H2''" sing N N 126 
DA  "C1'" N9     sing N N 127 
DA  "C1'" "H1'"  sing N N 128 
DA  N9    C8     sing Y N 129 
DA  N9    C4     sing Y N 130 
DA  C8    N7     doub Y N 131 
DA  C8    H8     sing N N 132 
DA  N7    C5     sing Y N 133 
DA  C5    C6     sing Y N 134 
DA  C5    C4     doub Y N 135 
DA  C6    N6     sing N N 136 
DA  C6    N1     doub Y N 137 
DA  N6    H61    sing N N 138 
DA  N6    H62    sing N N 139 
DA  N1    C2     sing Y N 140 
DA  C2    N3     doub Y N 141 
DA  C2    H2     sing N N 142 
DA  N3    C4     sing Y N 143 
DC  OP3   P      sing N N 144 
DC  OP3   HOP3   sing N N 145 
DC  P     OP1    doub N N 146 
DC  P     OP2    sing N N 147 
DC  P     "O5'"  sing N N 148 
DC  OP2   HOP2   sing N N 149 
DC  "O5'" "C5'"  sing N N 150 
DC  "C5'" "C4'"  sing N N 151 
DC  "C5'" "H5'"  sing N N 152 
DC  "C5'" "H5''" sing N N 153 
DC  "C4'" "O4'"  sing N N 154 
DC  "C4'" "C3'"  sing N N 155 
DC  "C4'" "H4'"  sing N N 156 
DC  "O4'" "C1'"  sing N N 157 
DC  "C3'" "O3'"  sing N N 158 
DC  "C3'" "C2'"  sing N N 159 
DC  "C3'" "H3'"  sing N N 160 
DC  "O3'" "HO3'" sing N N 161 
DC  "C2'" "C1'"  sing N N 162 
DC  "C2'" "H2'"  sing N N 163 
DC  "C2'" "H2''" sing N N 164 
DC  "C1'" N1     sing N N 165 
DC  "C1'" "H1'"  sing N N 166 
DC  N1    C2     sing N N 167 
DC  N1    C6     sing N N 168 
DC  C2    O2     doub N N 169 
DC  C2    N3     sing N N 170 
DC  N3    C4     doub N N 171 
DC  C4    N4     sing N N 172 
DC  C4    C5     sing N N 173 
DC  N4    H41    sing N N 174 
DC  N4    H42    sing N N 175 
DC  C5    C6     doub N N 176 
DC  C5    H5     sing N N 177 
DC  C6    H6     sing N N 178 
DG  OP3   P      sing N N 179 
DG  OP3   HOP3   sing N N 180 
DG  P     OP1    doub N N 181 
DG  P     OP2    sing N N 182 
DG  P     "O5'"  sing N N 183 
DG  OP2   HOP2   sing N N 184 
DG  "O5'" "C5'"  sing N N 185 
DG  "C5'" "C4'"  sing N N 186 
DG  "C5'" "H5'"  sing N N 187 
DG  "C5'" "H5''" sing N N 188 
DG  "C4'" "O4'"  sing N N 189 
DG  "C4'" "C3'"  sing N N 190 
DG  "C4'" "H4'"  sing N N 191 
DG  "O4'" "C1'"  sing N N 192 
DG  "C3'" "O3'"  sing N N 193 
DG  "C3'" "C2'"  sing N N 194 
DG  "C3'" "H3'"  sing N N 195 
DG  "O3'" "HO3'" sing N N 196 
DG  "C2'" "C1'"  sing N N 197 
DG  "C2'" "H2'"  sing N N 198 
DG  "C2'" "H2''" sing N N 199 
DG  "C1'" N9     sing N N 200 
DG  "C1'" "H1'"  sing N N 201 
DG  N9    C8     sing Y N 202 
DG  N9    C4     sing Y N 203 
DG  C8    N7     doub Y N 204 
DG  C8    H8     sing N N 205 
DG  N7    C5     sing Y N 206 
DG  C5    C6     sing N N 207 
DG  C5    C4     doub Y N 208 
DG  C6    O6     doub N N 209 
DG  C6    N1     sing N N 210 
DG  N1    C2     sing N N 211 
DG  N1    H1     sing N N 212 
DG  C2    N2     sing N N 213 
DG  C2    N3     doub N N 214 
DG  N2    H21    sing N N 215 
DG  N2    H22    sing N N 216 
DG  N3    C4     sing N N 217 
# 
loop_
_ndb_struct_conf_na.entry_id 
_ndb_struct_conf_na.feature 
1ON5 'double helix'        
1ON5 'b-form double helix' 
# 
loop_
_ndb_struct_na_base_pair.model_number 
_ndb_struct_na_base_pair.i_label_asym_id 
_ndb_struct_na_base_pair.i_label_comp_id 
_ndb_struct_na_base_pair.i_label_seq_id 
_ndb_struct_na_base_pair.i_symmetry 
_ndb_struct_na_base_pair.j_label_asym_id 
_ndb_struct_na_base_pair.j_label_comp_id 
_ndb_struct_na_base_pair.j_label_seq_id 
_ndb_struct_na_base_pair.j_symmetry 
_ndb_struct_na_base_pair.shear 
_ndb_struct_na_base_pair.stretch 
_ndb_struct_na_base_pair.stagger 
_ndb_struct_na_base_pair.buckle 
_ndb_struct_na_base_pair.propeller 
_ndb_struct_na_base_pair.opening 
_ndb_struct_na_base_pair.pair_number 
_ndb_struct_na_base_pair.pair_name 
_ndb_struct_na_base_pair.i_auth_asym_id 
_ndb_struct_na_base_pair.i_auth_seq_id 
_ndb_struct_na_base_pair.i_PDB_ins_code 
_ndb_struct_na_base_pair.j_auth_asym_id 
_ndb_struct_na_base_pair.j_auth_seq_id 
_ndb_struct_na_base_pair.j_PDB_ins_code 
_ndb_struct_na_base_pair.hbond_type_28 
_ndb_struct_na_base_pair.hbond_type_12 
1 A 5AT 1 1_555 B DA  6 1_555 0.226  -0.224 0.378  -20.709 -11.710 8.848  1 A_5AT2:DA7_B A 2 ? B 7 ? 20 1 
1 A DG  2 1_555 B DC  5 1_555 -0.105 -0.189 0.011  -6.859  -3.790  -0.325 2 A_DG3:DC6_B  A 3 ? B 6 ? 19 1 
1 A DC  3 1_555 B DG  4 1_555 0.086  -0.178 -0.152 -5.829  9.055   -0.574 3 A_DC4:DG5_B  A 4 ? B 5 ? 19 1 
1 A DG  4 1_555 B DC  3 1_555 -0.829 -0.357 -0.005 4.200   3.517   0.838  4 A_DG5:DC4_B  A 5 ? B 4 ? 19 1 
1 A DC  5 1_555 B DG  2 1_555 0.792  -0.443 0.353  7.438   -8.835  -1.459 5 A_DC6:DG3_B  A 6 ? B 3 ? 19 1 
1 A DA  6 1_555 B 5AT 1 1_555 -0.138 -0.214 0.329  19.058  -8.363  11.444 6 A_DA7:5AT2_B A 7 ? B 2 ? 20 1 
# 
loop_
_ndb_struct_na_base_pair_step.model_number 
_ndb_struct_na_base_pair_step.i_label_asym_id_1 
_ndb_struct_na_base_pair_step.i_label_comp_id_1 
_ndb_struct_na_base_pair_step.i_label_seq_id_1 
_ndb_struct_na_base_pair_step.i_symmetry_1 
_ndb_struct_na_base_pair_step.j_label_asym_id_1 
_ndb_struct_na_base_pair_step.j_label_comp_id_1 
_ndb_struct_na_base_pair_step.j_label_seq_id_1 
_ndb_struct_na_base_pair_step.j_symmetry_1 
_ndb_struct_na_base_pair_step.i_label_asym_id_2 
_ndb_struct_na_base_pair_step.i_label_comp_id_2 
_ndb_struct_na_base_pair_step.i_label_seq_id_2 
_ndb_struct_na_base_pair_step.i_symmetry_2 
_ndb_struct_na_base_pair_step.j_label_asym_id_2 
_ndb_struct_na_base_pair_step.j_label_comp_id_2 
_ndb_struct_na_base_pair_step.j_label_seq_id_2 
_ndb_struct_na_base_pair_step.j_symmetry_2 
_ndb_struct_na_base_pair_step.shift 
_ndb_struct_na_base_pair_step.slide 
_ndb_struct_na_base_pair_step.rise 
_ndb_struct_na_base_pair_step.tilt 
_ndb_struct_na_base_pair_step.roll 
_ndb_struct_na_base_pair_step.twist 
_ndb_struct_na_base_pair_step.x_displacement 
_ndb_struct_na_base_pair_step.y_displacement 
_ndb_struct_na_base_pair_step.helical_rise 
_ndb_struct_na_base_pair_step.inclination 
_ndb_struct_na_base_pair_step.tip 
_ndb_struct_na_base_pair_step.helical_twist 
_ndb_struct_na_base_pair_step.step_number 
_ndb_struct_na_base_pair_step.step_name 
_ndb_struct_na_base_pair_step.i_auth_asym_id_1 
_ndb_struct_na_base_pair_step.i_auth_seq_id_1 
_ndb_struct_na_base_pair_step.i_PDB_ins_code_1 
_ndb_struct_na_base_pair_step.j_auth_asym_id_1 
_ndb_struct_na_base_pair_step.j_auth_seq_id_1 
_ndb_struct_na_base_pair_step.j_PDB_ins_code_1 
_ndb_struct_na_base_pair_step.i_auth_asym_id_2 
_ndb_struct_na_base_pair_step.i_auth_seq_id_2 
_ndb_struct_na_base_pair_step.i_PDB_ins_code_2 
_ndb_struct_na_base_pair_step.j_auth_asym_id_2 
_ndb_struct_na_base_pair_step.j_auth_seq_id_2 
_ndb_struct_na_base_pair_step.j_PDB_ins_code_2 
1 A 5AT 1 1_555 B DA 6 1_555 A DG 2 1_555 B DC  5 1_555 0.092  0.116  2.707 4.222  5.440  33.872 -0.506 0.389  2.684 9.218  -7.155 
34.545 1 AA_5AT2DG3:DC6DA7_BB A 2 ? B 7 ? A 3 ? B 6 ? 
1 A DG  2 1_555 B DC 5 1_555 A DC 3 1_555 B DG  4 1_555 -0.120 0.524  3.453 -2.025 15.717 34.120 -1.439 -0.104 3.369 25.172 3.243  
37.521 2 AA_DG3DC4:DG5DC6_BB  A 3 ? B 6 ? A 4 ? B 5 ? 
1 A DC  3 1_555 B DG 4 1_555 A DG 4 1_555 B DC  3 1_555 -0.848 -0.935 2.997 -5.657 14.800 23.342 -4.933 0.592  2.176 32.249 12.326 
28.149 3 AA_DC4DG5:DC4DG5_BB  A 4 ? B 5 ? A 5 ? B 4 ? 
1 A DG  4 1_555 B DC 3 1_555 A DC 5 1_555 B DG  2 1_555 -1.307 -0.589 3.029 -5.447 3.460  40.044 -1.215 1.311  3.113 5.013  7.893  
40.540 4 AA_DG5DC6:DG3DC4_BB  A 5 ? B 4 ? A 6 ? B 3 ? 
1 A DC  5 1_555 B DG 2 1_555 A DA 6 1_555 B 5AT 1 1_555 0.427  -0.530 2.777 -0.661 -0.388 32.559 -0.888 -0.860 2.774 -0.691 1.178  
32.568 5 AA_DC6DA7:5AT2DG3_BB A 6 ? B 3 ? A 7 ? B 2 ? 
# 
loop_
_pdbx_nmr_spectrometer.spectrometer_id 
_pdbx_nmr_spectrometer.type 
_pdbx_nmr_spectrometer.manufacturer 
_pdbx_nmr_spectrometer.model 
_pdbx_nmr_spectrometer.field_strength 
1 ? Bruker DRX 600 
2 ? Bruker DRX 600 
# 
_atom_sites.entry_id                    1ON5 
_atom_sites.fract_transf_matrix[1][1]   1.000000 
_atom_sites.fract_transf_matrix[1][2]   0.000000 
_atom_sites.fract_transf_matrix[1][3]   0.000000 
_atom_sites.fract_transf_matrix[2][1]   0.000000 
_atom_sites.fract_transf_matrix[2][2]   1.000000 
_atom_sites.fract_transf_matrix[2][3]   0.000000 
_atom_sites.fract_transf_matrix[3][1]   0.000000 
_atom_sites.fract_transf_matrix[3][2]   0.000000 
_atom_sites.fract_transf_matrix[3][3]   1.000000 
_atom_sites.fract_transf_vector[1]      0.00000 
_atom_sites.fract_transf_vector[2]      0.00000 
_atom_sites.fract_transf_vector[3]      0.00000 
# 
loop_
_atom_type.symbol 
C 
H 
N 
O 
P 
# 
loop_
_atom_site.group_PDB 
_atom_site.id 
_atom_site.type_symbol 
_atom_site.label_atom_id 
_atom_site.label_alt_id 
_atom_site.label_comp_id 
_atom_site.label_asym_id 
_atom_site.label_entity_id 
_atom_site.label_seq_id 
_atom_site.pdbx_PDB_ins_code 
_atom_site.Cartn_x 
_atom_site.Cartn_y 
_atom_site.Cartn_z 
_atom_site.occupancy 
_atom_site.B_iso_or_equiv 
_atom_site.pdbx_formal_charge 
_atom_site.auth_seq_id 
_atom_site.auth_comp_id 
_atom_site.auth_asym_id 
_atom_site.auth_atom_id 
_atom_site.pdbx_PDB_model_num 
HETATM 1   N "N5'"  . 5AT A 1 1 ? -11.759 -5.525  -0.762  1.00 0.00 ? 2 5AT A "N5'"  1 
HETATM 2   N N1     . 5AT A 1 1 ? -8.221  -4.301  1.165   1.00 0.00 ? 2 5AT A N1     1 
HETATM 3   C C6     . 5AT A 1 1 ? -8.190  -4.373  -0.210  1.00 0.00 ? 2 5AT A C6     1 
HETATM 4   C C2     . 5AT A 1 1 ? -7.142  -4.674  1.930   1.00 0.00 ? 2 5AT A C2     1 
HETATM 5   O O2     . 5AT A 1 1 ? -7.133  -4.607  3.147   1.00 0.00 ? 2 5AT A O2     1 
HETATM 6   N N3     . 5AT A 1 1 ? -6.070  -5.133  1.216   1.00 0.00 ? 2 5AT A N3     1 
HETATM 7   C C4     . 5AT A 1 1 ? -5.965  -5.249  -0.152  1.00 0.00 ? 2 5AT A C4     1 
HETATM 8   O O4     . 5AT A 1 1 ? -4.938  -5.706  -0.648  1.00 0.00 ? 2 5AT A O4     1 
HETATM 9   C C5     . 5AT A 1 1 ? -7.131  -4.824  -0.897  1.00 0.00 ? 2 5AT A C5     1 
HETATM 10  C C7     . 5AT A 1 1 ? -7.109  -4.914  -2.391  1.00 0.00 ? 2 5AT A C7     1 
HETATM 11  C "C2'"  . 5AT A 1 1 ? -9.775  -2.377  1.531   1.00 0.00 ? 2 5AT A "C2'"  1 
HETATM 12  C "C5'"  . 5AT A 1 1 ? -11.757 -4.041  -0.560  1.00 0.00 ? 2 5AT A "C5'"  1 
HETATM 13  C "C4'"  . 5AT A 1 1 ? -11.607 -3.812  0.925   1.00 0.00 ? 2 5AT A "C4'"  1 
HETATM 14  O "O4'"  . 5AT A 1 1 ? -10.519 -4.625  1.423   1.00 0.00 ? 2 5AT A "O4'"  1 
HETATM 15  C "C1'"  . 5AT A 1 1 ? -9.429  -3.822  1.851   1.00 0.00 ? 2 5AT A "C1'"  1 
HETATM 16  C "C3'"  . 5AT A 1 1 ? -11.278 -2.374  1.321   1.00 0.00 ? 2 5AT A "C3'"  1 
HETATM 17  O "O3'"  . 5AT A 1 1 ? -11.960 -2.021  2.530   1.00 0.00 ? 2 5AT A "O3'"  1 
HETATM 18  H HN51   . 5AT A 1 1 ? -12.283 -6.103  -0.170  1.00 0.00 ? 2 5AT A HN51   1 
HETATM 19  H H6     . 5AT A 1 1 ? -9.069  -4.038  -0.765  1.00 0.00 ? 2 5AT A H6     1 
HETATM 20  H H3     . 5AT A 1 1 ? -5.267  -5.422  1.757   1.00 0.00 ? 2 5AT A H3     1 
HETATM 21  H H71    . 5AT A 1 1 ? -6.079  -4.862  -2.745  1.00 0.00 ? 2 5AT A H71    1 
HETATM 22  H H72    . 5AT A 1 1 ? -7.553  -5.858  -2.706  1.00 0.00 ? 2 5AT A H72    1 
HETATM 23  H H73    . 5AT A 1 1 ? -7.680  -4.086  -2.814  1.00 0.00 ? 2 5AT A H73    1 
HETATM 24  H "H2'"  . 5AT A 1 1 ? -9.250  -2.015  0.648   1.00 0.00 ? 2 5AT A "H2'"  1 
HETATM 25  H "H2''" . 5AT A 1 1 ? -9.490  -1.739  2.367   1.00 0.00 ? 2 5AT A "H2''" 1 
HETATM 26  H "H5'"  . 5AT A 1 1 ? -12.695 -3.599  -0.879  1.00 0.00 ? 2 5AT A "H5'"  1 
HETATM 27  H "H5''" . 5AT A 1 1 ? -10.920 -3.587  -1.104  1.00 0.00 ? 2 5AT A "H5''" 1 
HETATM 28  H "H4'"  . 5AT A 1 1 ? -12.566 -4.050  1.391   1.00 0.00 ? 2 5AT A "H4'"  1 
HETATM 29  H "H1'"  . 5AT A 1 1 ? -9.303  -3.972  2.925   1.00 0.00 ? 2 5AT A "H1'"  1 
HETATM 30  H "H3'"  . 5AT A 1 1 ? -11.568 -1.682  0.532   1.00 0.00 ? 2 5AT A "H3'"  1 
ATOM   31  P P      . DG  A 1 2 ? -11.814 -0.533  3.125   1.00 0.00 ? 3 DG  A P      1 
ATOM   32  O OP1    . DG  A 1 2 ? -12.830 -0.390  4.201   1.00 0.00 ? 3 DG  A OP1    1 
ATOM   33  O OP2    . DG  A 1 2 ? -11.806 0.428   1.993   1.00 0.00 ? 3 DG  A OP2    1 
ATOM   34  O "O5'"  . DG  A 1 2 ? -10.370 -0.523  3.800   1.00 0.00 ? 3 DG  A "O5'"  1 
ATOM   35  C "C5'"  . DG  A 1 2 ? -10.115 -1.251  5.003   1.00 0.00 ? 3 DG  A "C5'"  1 
ATOM   36  C "C4'"  . DG  A 1 2 ? -8.793  -0.827  5.602   1.00 0.00 ? 3 DG  A "C4'"  1 
ATOM   37  O "O4'"  . DG  A 1 2 ? -7.724  -1.530  4.923   1.00 0.00 ? 3 DG  A "O4'"  1 
ATOM   38  C "C3'"  . DG  A 1 2 ? -8.462  0.663   5.475   1.00 0.00 ? 3 DG  A "C3'"  1 
ATOM   39  O "O3'"  . DG  A 1 2 ? -7.828  1.127   6.674   1.00 0.00 ? 3 DG  A "O3'"  1 
ATOM   40  C "C2'"  . DG  A 1 2 ? -7.503  0.708   4.300   1.00 0.00 ? 3 DG  A "C2'"  1 
ATOM   41  C "C1'"  . DG  A 1 2 ? -6.760  -0.600  4.465   1.00 0.00 ? 3 DG  A "C1'"  1 
ATOM   42  N N9     . DG  A 1 2 ? -6.163  -1.133  3.245   1.00 0.00 ? 3 DG  A N9     1 
ATOM   43  C C8     . DG  A 1 2 ? -6.596  -0.947  1.954   1.00 0.00 ? 3 DG  A C8     1 
ATOM   44  N N7     . DG  A 1 2 ? -5.857  -1.559  1.070   1.00 0.00 ? 3 DG  A N7     1 
ATOM   45  C C5     . DG  A 1 2 ? -4.873  -2.185  1.824   1.00 0.00 ? 3 DG  A C5     1 
ATOM   46  C C6     . DG  A 1 2 ? -3.784  -2.997  1.421   1.00 0.00 ? 3 DG  A C6     1 
ATOM   47  O O6     . DG  A 1 2 ? -3.459  -3.336  0.278   1.00 0.00 ? 3 DG  A O6     1 
ATOM   48  N N1     . DG  A 1 2 ? -3.034  -3.426  2.510   1.00 0.00 ? 3 DG  A N1     1 
ATOM   49  C C2     . DG  A 1 2 ? -3.296  -3.111  3.820   1.00 0.00 ? 3 DG  A C2     1 
ATOM   50  N N2     . DG  A 1 2 ? -2.458  -3.617  4.730   1.00 0.00 ? 3 DG  A N2     1 
ATOM   51  N N3     . DG  A 1 2 ? -4.305  -2.355  4.210   1.00 0.00 ? 3 DG  A N3     1 
ATOM   52  C C4     . DG  A 1 2 ? -5.049  -1.930  3.167   1.00 0.00 ? 3 DG  A C4     1 
ATOM   53  H "H5'"  . DG  A 1 2 ? -10.080 -2.318  4.783   1.00 0.00 ? 3 DG  A "H5'"  1 
ATOM   54  H "H5''" . DG  A 1 2 ? -10.910 -1.061  5.724   1.00 0.00 ? 3 DG  A "H5''" 1 
ATOM   55  H "H4'"  . DG  A 1 2 ? -8.835  -1.045  6.671   1.00 0.00 ? 3 DG  A "H4'"  1 
ATOM   56  H "H3'"  . DG  A 1 2 ? -9.361  1.253   5.292   1.00 0.00 ? 3 DG  A "H3'"  1 
ATOM   57  H "H2'"  . DG  A 1 2 ? -8.038  0.763   3.352   1.00 0.00 ? 3 DG  A "H2'"  1 
ATOM   58  H "H2''" . DG  A 1 2 ? -6.843  1.573   4.355   1.00 0.00 ? 3 DG  A "H2''" 1 
ATOM   59  H "H1'"  . DG  A 1 2 ? -5.983  -0.515  5.228   1.00 0.00 ? 3 DG  A "H1'"  1 
ATOM   60  H H8     . DG  A 1 2 ? -7.456  -0.347  1.696   1.00 0.00 ? 3 DG  A H8     1 
ATOM   61  H H1     . DG  A 1 2 ? -2.235  -4.017  2.324   1.00 0.00 ? 3 DG  A H1     1 
ATOM   62  H H21    . DG  A 1 2 ? -1.684  -4.203  4.447   1.00 0.00 ? 3 DG  A H21    1 
ATOM   63  H H22    . DG  A 1 2 ? -2.606  -3.416  5.709   1.00 0.00 ? 3 DG  A H22    1 
ATOM   64  P P      . DC  A 1 3 ? -7.345  2.658   6.789   1.00 0.00 ? 4 DC  A P      1 
ATOM   65  O OP1    . DC  A 1 3 ? -7.917  3.201   8.046   1.00 0.00 ? 4 DC  A OP1    1 
ATOM   66  O OP2    . DC  A 1 3 ? -7.617  3.352   5.503   1.00 0.00 ? 4 DC  A OP2    1 
ATOM   67  O "O5'"  . DC  A 1 3 ? -5.766  2.550   6.970   1.00 0.00 ? 4 DC  A "O5'"  1 
ATOM   68  C "C5'"  . DC  A 1 3 ? -5.196  2.066   8.190   1.00 0.00 ? 4 DC  A "C5'"  1 
ATOM   69  C "C4'"  . DC  A 1 3 ? -3.688  2.154   8.135   1.00 0.00 ? 4 DC  A "C4'"  1 
ATOM   70  O "O4'"  . DC  A 1 3 ? -3.214  1.344   7.031   1.00 0.00 ? 4 DC  A "O4'"  1 
ATOM   71  C "C3'"  . DC  A 1 3 ? -3.126  3.555   7.891   1.00 0.00 ? 4 DC  A "C3'"  1 
ATOM   72  O "O3'"  . DC  A 1 3 ? -1.877  3.716   8.576   1.00 0.00 ? 4 DC  A "O3'"  1 
ATOM   73  C "C2'"  . DC  A 1 3 ? -2.925  3.584   6.388   1.00 0.00 ? 4 DC  A "C2'"  1 
ATOM   74  C "C1'"  . DC  A 1 3 ? -2.509  2.152   6.102   1.00 0.00 ? 4 DC  A "C1'"  1 
ATOM   75  N N1     . DC  A 1 3 ? -2.829  1.672   4.747   1.00 0.00 ? 4 DC  A N1     1 
ATOM   76  C C2     . DC  A 1 3 ? -1.884  0.898   4.063   1.00 0.00 ? 4 DC  A C2     1 
ATOM   77  O O2     . DC  A 1 3 ? -0.809  0.630   4.620   1.00 0.00 ? 4 DC  A O2     1 
ATOM   78  N N3     . DC  A 1 3 ? -2.165  0.464   2.814   1.00 0.00 ? 4 DC  A N3     1 
ATOM   79  C C4     . DC  A 1 3 ? -3.333  0.774   2.247   1.00 0.00 ? 4 DC  A C4     1 
ATOM   80  N N4     . DC  A 1 3 ? -3.565  0.326   1.012   1.00 0.00 ? 4 DC  A N4     1 
ATOM   81  C C5     . DC  A 1 3 ? -4.315  1.554   2.922   1.00 0.00 ? 4 DC  A C5     1 
ATOM   82  C C6     . DC  A 1 3 ? -4.025  1.977   4.159   1.00 0.00 ? 4 DC  A C6     1 
ATOM   83  H "H5'"  . DC  A 1 3 ? -5.486  1.026   8.342   1.00 0.00 ? 4 DC  A "H5'"  1 
ATOM   84  H "H5''" . DC  A 1 3 ? -5.559  2.663   9.027   1.00 0.00 ? 4 DC  A "H5''" 1 
ATOM   85  H "H4'"  . DC  A 1 3 ? -3.305  1.828   9.102   1.00 0.00 ? 4 DC  A "H4'"  1 
ATOM   86  H "H3'"  . DC  A 1 3 ? -3.822  4.324   8.226   1.00 0.00 ? 4 DC  A "H3'"  1 
ATOM   87  H "H2'"  . DC  A 1 3 ? -3.846  3.857   5.872   1.00 0.00 ? 4 DC  A "H2'"  1 
ATOM   88  H "H2''" . DC  A 1 3 ? -2.165  4.309   6.104   1.00 0.00 ? 4 DC  A "H2''" 1 
ATOM   89  H "H1'"  . DC  A 1 3 ? -1.441  2.012   6.279   1.00 0.00 ? 4 DC  A "H1'"  1 
ATOM   90  H H41    . DC  A 1 3 ? -2.867  -0.227  0.536   1.00 0.00 ? 4 DC  A H41    1 
ATOM   91  H H42    . DC  A 1 3 ? -4.438  0.540   0.552   1.00 0.00 ? 4 DC  A H42    1 
ATOM   92  H H5     . DC  A 1 3 ? -5.266  1.800   2.449   1.00 0.00 ? 4 DC  A H5     1 
ATOM   93  H H6     . DC  A 1 3 ? -4.758  2.571   4.705   1.00 0.00 ? 4 DC  A H6     1 
ATOM   94  P P      . DG  A 1 4 ? -1.073  5.106   8.468   1.00 0.00 ? 5 DG  A P      1 
ATOM   95  O OP1    . DG  A 1 4 ? -0.690  5.498   9.849   1.00 0.00 ? 5 DG  A OP1    1 
ATOM   96  O OP2    . DG  A 1 4 ? -1.854  6.051   7.630   1.00 0.00 ? 5 DG  A OP2    1 
ATOM   97  O "O5'"  . DG  A 1 4 ? 0.258   4.723   7.678   1.00 0.00 ? 5 DG  A "O5'"  1 
ATOM   98  C "C5'"  . DG  A 1 4 ? 1.283   3.943   8.301   1.00 0.00 ? 5 DG  A "C5'"  1 
ATOM   99  C "C4'"  . DG  A 1 4 ? 2.493   3.843   7.400   1.00 0.00 ? 5 DG  A "C4'"  1 
ATOM   100 O "O4'"  . DG  A 1 4 ? 2.145   3.054   6.235   1.00 0.00 ? 5 DG  A "O4'"  1 
ATOM   101 C "C3'"  . DG  A 1 4 ? 3.030   5.175   6.864   1.00 0.00 ? 5 DG  A "C3'"  1 
ATOM   102 O "O3'"  . DG  A 1 4 ? 4.463   5.182   6.941   1.00 0.00 ? 5 DG  A "O3'"  1 
ATOM   103 C "C2'"  . DG  A 1 4 ? 2.557   5.196   5.421   1.00 0.00 ? 5 DG  A "C2'"  1 
ATOM   104 C "C1'"  . DG  A 1 4 ? 2.562   3.728   5.064   1.00 0.00 ? 5 DG  A "C1'"  1 
ATOM   105 N N9     . DG  A 1 4 ? 1.654   3.363   3.982   1.00 0.00 ? 5 DG  A N9     1 
ATOM   106 C C8     . DG  A 1 4 ? 0.315   3.647   3.894   1.00 0.00 ? 5 DG  A C8     1 
ATOM   107 N N7     . DG  A 1 4 ? -0.239  3.191   2.803   1.00 0.00 ? 5 DG  A N7     1 
ATOM   108 C C5     . DG  A 1 4 ? 0.801   2.568   2.128   1.00 0.00 ? 5 DG  A C5     1 
ATOM   109 C C6     . DG  A 1 4 ? 0.812   1.891   0.883   1.00 0.00 ? 5 DG  A C6     1 
ATOM   110 O O6     . DG  A 1 4 ? -0.128  1.696   0.102   1.00 0.00 ? 5 DG  A O6     1 
ATOM   111 N N1     . DG  A 1 4 ? 2.080   1.413   0.571   1.00 0.00 ? 5 DG  A N1     1 
ATOM   112 C C2     . DG  A 1 4 ? 3.195   1.565   1.360   1.00 0.00 ? 5 DG  A C2     1 
ATOM   113 N N2     . DG  A 1 4 ? 4.328   1.034   0.889   1.00 0.00 ? 5 DG  A N2     1 
ATOM   114 N N3     . DG  A 1 4 ? 3.198   2.191   2.522   1.00 0.00 ? 5 DG  A N3     1 
ATOM   115 C C4     . DG  A 1 4 ? 1.977   2.665   2.842   1.00 0.00 ? 5 DG  A C4     1 
ATOM   116 H "H5'"  . DG  A 1 4 ? 0.906   2.940   8.503   1.00 0.00 ? 5 DG  A "H5'"  1 
ATOM   117 H "H5''" . DG  A 1 4 ? 1.577   4.409   9.241   1.00 0.00 ? 5 DG  A "H5''" 1 
ATOM   118 H "H4'"  . DG  A 1 4 ? 3.298   3.400   7.987   1.00 0.00 ? 5 DG  A "H4'"  1 
ATOM   119 H "H3'"  . DG  A 1 4 ? 2.636   6.016   7.435   1.00 0.00 ? 5 DG  A "H3'"  1 
ATOM   120 H "H2'"  . DG  A 1 4 ? 1.565   5.639   5.334   1.00 0.00 ? 5 DG  A "H2'"  1 
ATOM   121 H "H2''" . DG  A 1 4 ? 3.230   5.770   4.786   1.00 0.00 ? 5 DG  A "H2''" 1 
ATOM   122 H "H1'"  . DG  A 1 4 ? 3.567   3.385   4.813   1.00 0.00 ? 5 DG  A "H1'"  1 
ATOM   123 H H8     . DG  A 1 4 ? -0.224  4.199   4.646   1.00 0.00 ? 5 DG  A H8     1 
ATOM   124 H H1     . DG  A 1 4 ? 2.181   0.918   -0.303  1.00 0.00 ? 5 DG  A H1     1 
ATOM   125 H H21    . DG  A 1 4 ? 4.331   0.550   0.000   1.00 0.00 ? 5 DG  A H21    1 
ATOM   126 H H22    . DG  A 1 4 ? 5.180   1.117   1.425   1.00 0.00 ? 5 DG  A H22    1 
ATOM   127 P P      . DC  A 1 5 ? 5.302   6.399   6.301   1.00 0.00 ? 6 DC  A P      1 
ATOM   128 O OP1    . DC  A 1 5 ? 6.252   6.863   7.343   1.00 0.00 ? 6 DC  A OP1    1 
ATOM   129 O OP2    . DC  A 1 5 ? 4.371   7.372   5.676   1.00 0.00 ? 6 DC  A OP2    1 
ATOM   130 O "O5'"  . DC  A 1 5 ? 6.154   5.705   5.146   1.00 0.00 ? 6 DC  A "O5'"  1 
ATOM   131 C "C5'"  . DC  A 1 5 ? 7.028   4.612   5.437   1.00 0.00 ? 6 DC  A "C5'"  1 
ATOM   132 C "C4'"  . DC  A 1 5 ? 7.810   4.221   4.204   1.00 0.00 ? 6 DC  A "C4'"  1 
ATOM   133 O "O4'"  . DC  A 1 5 ? 6.891   3.697   3.214   1.00 0.00 ? 6 DC  A "O4'"  1 
ATOM   134 C "C3'"  . DC  A 1 5 ? 8.555   5.362   3.513   1.00 0.00 ? 6 DC  A "C3'"  1 
ATOM   135 O "O3'"  . DC  A 1 5 ? 9.763   4.870   2.919   1.00 0.00 ? 6 DC  A "O3'"  1 
ATOM   136 C "C2'"  . DC  A 1 5 ? 7.572   5.819   2.451   1.00 0.00 ? 6 DC  A "C2'"  1 
ATOM   137 C "C1'"  . DC  A 1 5 ? 6.891   4.521   2.056   1.00 0.00 ? 6 DC  A "C1'"  1 
ATOM   138 N N1     . DC  A 1 5 ? 5.497   4.670   1.612   1.00 0.00 ? 6 DC  A N1     1 
ATOM   139 C C2     . DC  A 1 5 ? 5.131   4.171   0.360   1.00 0.00 ? 6 DC  A C2     1 
ATOM   140 O O2     . DC  A 1 5 ? 5.991   3.622   -0.344  1.00 0.00 ? 6 DC  A O2     1 
ATOM   141 N N3     . DC  A 1 5 ? 3.850   4.297   -0.053  1.00 0.00 ? 6 DC  A N3     1 
ATOM   142 C C4     . DC  A 1 5 ? 2.951   4.894   0.732   1.00 0.00 ? 6 DC  A C4     1 
ATOM   143 N N4     . DC  A 1 5 ? 1.699   4.991   0.283   1.00 0.00 ? 6 DC  A N4     1 
ATOM   144 C C5     . DC  A 1 5 ? 3.297   5.415   2.012   1.00 0.00 ? 6 DC  A C5     1 
ATOM   145 C C6     . DC  A 1 5 ? 4.570   5.283   2.407   1.00 0.00 ? 6 DC  A C6     1 
ATOM   146 H "H5'"  . DC  A 1 5 ? 6.444   3.755   5.775   1.00 0.00 ? 6 DC  A "H5'"  1 
ATOM   147 H "H5''" . DC  A 1 5 ? 7.725   4.900   6.224   1.00 0.00 ? 6 DC  A "H5''" 1 
ATOM   148 H "H4'"  . DC  A 1 5 ? 8.565   3.496   4.512   1.00 0.00 ? 6 DC  A "H4'"  1 
ATOM   149 H "H3'"  . DC  A 1 5 ? 8.797   6.158   4.216   1.00 0.00 ? 6 DC  A "H3'"  1 
ATOM   150 H "H2'"  . DC  A 1 5 ? 6.869   6.551   2.850   1.00 0.00 ? 6 DC  A "H2'"  1 
ATOM   151 H "H2''" . DC  A 1 5 ? 8.085   6.284   1.608   1.00 0.00 ? 6 DC  A "H2''" 1 
ATOM   152 H "H1'"  . DC  A 1 5 ? 7.453   4.004   1.276   1.00 0.00 ? 6 DC  A "H1'"  1 
ATOM   153 H H41    . DC  A 1 5 ? 1.463   4.617   -0.624  1.00 0.00 ? 6 DC  A H41    1 
ATOM   154 H H42    . DC  A 1 5 ? 0.988   5.434   0.847   1.00 0.00 ? 6 DC  A H42    1 
ATOM   155 H H5     . DC  A 1 5 ? 2.555   5.903   2.644   1.00 0.00 ? 6 DC  A H5     1 
ATOM   156 H H6     . DC  A 1 5 ? 4.870   5.674   3.379   1.00 0.00 ? 6 DC  A H6     1 
ATOM   157 P P      . DA  A 1 6 ? 10.706  5.866   2.079   1.00 0.00 ? 7 DA  A P      1 
ATOM   158 O OP1    . DA  A 1 6 ? 12.103  5.370   2.174   1.00 0.00 ? 7 DA  A OP1    1 
ATOM   159 O OP2    . DA  A 1 6 ? 10.392  7.255   2.499   1.00 0.00 ? 7 DA  A OP2    1 
ATOM   160 O "O5'"  . DA  A 1 6 ? 10.213  5.684   0.575   1.00 0.00 ? 7 DA  A "O5'"  1 
ATOM   161 C "C5'"  . DA  A 1 6 ? 10.219  4.399   -0.053  1.00 0.00 ? 7 DA  A "C5'"  1 
ATOM   162 C "C4'"  . DA  A 1 6 ? 10.323  4.548   -1.553  1.00 0.00 ? 7 DA  A "C4'"  1 
ATOM   163 O "O4'"  . DA  A 1 6 ? 8.990   4.591   -2.113  1.00 0.00 ? 7 DA  A "O4'"  1 
ATOM   164 C "C3'"  . DA  A 1 6 ? 11.014  5.821   -2.036  1.00 0.00 ? 7 DA  A "C3'"  1 
ATOM   165 O "O3'"  . DA  A 1 6 ? 11.700  5.594   -3.270  1.00 0.00 ? 7 DA  A "O3'"  1 
ATOM   166 C "C2'"  . DA  A 1 6 ? 9.864   6.789   -2.237  1.00 0.00 ? 7 DA  A "C2'"  1 
ATOM   167 C "C1'"  . DA  A 1 6 ? 8.706   5.884   -2.630  1.00 0.00 ? 7 DA  A "C1'"  1 
ATOM   168 N N9     . DA  A 1 6 ? 7.410   6.304   -2.098  1.00 0.00 ? 7 DA  A N9     1 
ATOM   169 C C8     . DA  A 1 6 ? 7.160   6.974   -0.928  1.00 0.00 ? 7 DA  A C8     1 
ATOM   170 N N7     . DA  A 1 6 ? 5.889   7.216   -0.719  1.00 0.00 ? 7 DA  A N7     1 
ATOM   171 C C5     . DA  A 1 6 ? 5.260   6.674   -1.831  1.00 0.00 ? 7 DA  A C5     1 
ATOM   172 C C6     . DA  A 1 6 ? 3.910   6.610   -2.222  1.00 0.00 ? 7 DA  A C6     1 
ATOM   173 N N6     . DA  A 1 6 ? 2.901   7.114   -1.508  1.00 0.00 ? 7 DA  A N6     1 
ATOM   174 N N1     . DA  A 1 6 ? 3.626   6.002   -3.392  1.00 0.00 ? 7 DA  A N1     1 
ATOM   175 C C2     . DA  A 1 6 ? 4.633   5.497   -4.115  1.00 0.00 ? 7 DA  A C2     1 
ATOM   176 N N3     . DA  A 1 6 ? 5.935   5.495   -3.855  1.00 0.00 ? 7 DA  A N3     1 
ATOM   177 C C4     . DA  A 1 6 ? 6.186   6.107   -2.686  1.00 0.00 ? 7 DA  A C4     1 
ATOM   178 H "H5'"  . DA  A 1 6 ? 9.298   3.868   0.190   1.00 0.00 ? 7 DA  A "H5'"  1 
ATOM   179 H "H5''" . DA  A 1 6 ? 11.069  3.819   0.308   1.00 0.00 ? 7 DA  A "H5''" 1 
ATOM   180 H "H4'"  . DA  A 1 6 ? 10.917  3.710   -1.926  1.00 0.00 ? 7 DA  A "H4'"  1 
ATOM   181 H "H3'"  . DA  A 1 6 ? 11.723  6.187   -1.294  1.00 0.00 ? 7 DA  A "H3'"  1 
ATOM   182 H "HO3'" . DA  A 1 6 ? 11.141  5.024   -3.804  1.00 0.00 ? 7 DA  A "HO3'" 1 
ATOM   183 H "H2'"  . DA  A 1 6 ? 9.657   7.353   -1.328  1.00 0.00 ? 7 DA  A "H2'"  1 
ATOM   184 H "H2''" . DA  A 1 6 ? 10.084  7.507   -3.026  1.00 0.00 ? 7 DA  A "H2''" 1 
ATOM   185 H "H1'"  . DA  A 1 6 ? 8.624   5.802   -3.715  1.00 0.00 ? 7 DA  A "H1'"  1 
ATOM   186 H H8     . DA  A 1 6 ? 7.942   7.283   -0.250  1.00 0.00 ? 7 DA  A H8     1 
ATOM   187 H H61    . DA  A 1 6 ? 1.951   7.030   -1.845  1.00 0.00 ? 7 DA  A H61    1 
ATOM   188 H H62    . DA  A 1 6 ? 3.089   7.575   -0.630  1.00 0.00 ? 7 DA  A H62    1 
ATOM   189 H H2     . DA  A 1 6 ? 4.341   5.019   -5.051  1.00 0.00 ? 7 DA  A H2     1 
HETATM 190 N "N5'"  . 5AT B 1 1 ? -1.685  8.534   -9.298  1.00 0.00 ? 2 5AT B "N5'"  1 
HETATM 191 N N1     . 5AT B 1 1 ? 0.525   5.938   -6.823  1.00 0.00 ? 2 5AT B N1     1 
HETATM 192 C C6     . 5AT B 1 1 ? -0.691  6.379   -6.351  1.00 0.00 ? 2 5AT B C6     1 
HETATM 193 C C2     . 5AT B 1 1 ? 1.602   5.765   -5.989  1.00 0.00 ? 2 5AT B C2     1 
HETATM 194 O O2     . 5AT B 1 1 ? 2.686   5.362   -6.375  1.00 0.00 ? 2 5AT B O2     1 
HETATM 195 N N3     . 5AT B 1 1 ? 1.365   6.082   -4.681  1.00 0.00 ? 2 5AT B N3     1 
HETATM 196 C C4     . 5AT B 1 1 ? 0.189   6.540   -4.132  1.00 0.00 ? 2 5AT B C4     1 
HETATM 197 O O4     . 5AT B 1 1 ? 0.144   6.815   -2.935  1.00 0.00 ? 2 5AT B O4     1 
HETATM 198 C C5     . 5AT B 1 1 ? -0.909  6.687   -5.063  1.00 0.00 ? 2 5AT B C5     1 
HETATM 199 C C7     . 5AT B 1 1 ? -2.229  7.177   -4.557  1.00 0.00 ? 2 5AT B C7     1 
HETATM 200 C "C2'"  . 5AT B 1 1 ? -0.154  4.481   -8.731  1.00 0.00 ? 2 5AT B "C2'"  1 
HETATM 201 C "C5'"  . 5AT B 1 1 ? -1.998  7.109   -9.641  1.00 0.00 ? 2 5AT B "C5'"  1 
HETATM 202 C "C4'"  . 5AT B 1 1 ? -0.683  6.458   -9.995  1.00 0.00 ? 2 5AT B "C4'"  1 
HETATM 203 O "O4'"  . 5AT B 1 1 ? 0.295   6.793   -8.983  1.00 0.00 ? 2 5AT B "O4'"  1 
HETATM 204 C "C1'"  . 5AT B 1 1 ? 0.697   5.645   -8.253  1.00 0.00 ? 2 5AT B "C1'"  1 
HETATM 205 C "C3'"  . 5AT B 1 1 ? -0.720  4.932   -10.065 1.00 0.00 ? 2 5AT B "C3'"  1 
HETATM 206 O "O3'"  . 5AT B 1 1 ? 0.094   4.462   -11.146 1.00 0.00 ? 2 5AT B "O3'"  1 
HETATM 207 H HN51   . 5AT B 1 1 ? -1.082  9.057   -9.866  1.00 0.00 ? 2 5AT B HN51   1 
HETATM 208 H H6     . 5AT B 1 1 ? -1.518  6.472   -7.058  1.00 0.00 ? 2 5AT B H6     1 
HETATM 209 H H3     . 5AT B 1 1 ? 2.146   5.970   -4.048  1.00 0.00 ? 2 5AT B H3     1 
HETATM 210 H H71    . 5AT B 1 1 ? -3.034  6.706   -5.122  1.00 0.00 ? 2 5AT B H71    1 
HETATM 211 H H72    . 5AT B 1 1 ? -2.331  6.925   -3.501  1.00 0.00 ? 2 5AT B H72    1 
HETATM 212 H H73    . 5AT B 1 1 ? -2.287  8.259   -4.678  1.00 0.00 ? 2 5AT B H73    1 
HETATM 213 H "H2'"  . 5AT B 1 1 ? -0.948  4.234   -8.026  1.00 0.00 ? 2 5AT B "H2'"  1 
HETATM 214 H "H2''" . 5AT B 1 1 ? 0.471   3.595   -8.844  1.00 0.00 ? 2 5AT B "H2''" 1 
HETATM 215 H "H5'"  . 5AT B 1 1 ? -2.653  7.047   -10.505 1.00 0.00 ? 2 5AT B "H5'"  1 
HETATM 216 H "H5''" . 5AT B 1 1 ? -2.458  6.606   -8.783  1.00 0.00 ? 2 5AT B "H5''" 1 
HETATM 217 H "H4'"  . 5AT B 1 1 ? -0.403  6.806   -10.991 1.00 0.00 ? 2 5AT B "H4'"  1 
HETATM 218 H "H1'"  . 5AT B 1 1 ? 1.756   5.474   -8.448  1.00 0.00 ? 2 5AT B "H1'"  1 
HETATM 219 H "H3'"  . 5AT B 1 1 ? -1.739  4.578   -10.205 1.00 0.00 ? 2 5AT B "H3'"  1 
ATOM   220 P P      . DG  B 1 2 ? 0.311   2.881   -11.357 1.00 0.00 ? 3 DG  B P      1 
ATOM   221 O OP1    . DG  B 1 2 ? 0.796   2.682   -12.745 1.00 0.00 ? 3 DG  B OP1    1 
ATOM   222 O OP2    . DG  B 1 2 ? -0.910  2.171   -10.897 1.00 0.00 ? 3 DG  B OP2    1 
ATOM   223 O "O5'"  . DG  B 1 2 ? 1.502   2.520   -10.361 1.00 0.00 ? 3 DG  B "O5'"  1 
ATOM   224 C "C5'"  . DG  B 1 2 ? 2.808   3.068   -10.550 1.00 0.00 ? 3 DG  B "C5'"  1 
ATOM   225 C "C4'"  . DG  B 1 2 ? 3.813   2.345   -9.682  1.00 0.00 ? 3 DG  B "C4'"  1 
ATOM   226 O "O4'"  . DG  B 1 2 ? 3.684   2.825   -8.320  1.00 0.00 ? 3 DG  B "O4'"  1 
ATOM   227 C "C3'"  . DG  B 1 2 ? 3.645   0.824   -9.611  1.00 0.00 ? 3 DG  B "C3'"  1 
ATOM   228 O "O3'"  . DG  B 1 2 ? 4.929   0.190   -9.677  1.00 0.00 ? 3 DG  B "O3'"  1 
ATOM   229 C "C2'"  . DG  B 1 2 ? 2.994   0.602   -8.256  1.00 0.00 ? 3 DG  B "C2'"  1 
ATOM   230 C "C1'"  . DG  B 1 2 ? 3.609   1.719   -7.442  1.00 0.00 ? 3 DG  B "C1'"  1 
ATOM   231 N N9     . DG  B 1 2 ? 2.843   2.125   -6.268  1.00 0.00 ? 3 DG  B N9     1 
ATOM   232 C C8     . DG  B 1 2 ? 1.488   2.330   -6.186  1.00 0.00 ? 3 DG  B C8     1 
ATOM   233 N N7     . DG  B 1 2 ? 1.094   2.700   -4.999  1.00 0.00 ? 3 DG  B N7     1 
ATOM   234 C C5     . DG  B 1 2 ? 2.262   2.740   -4.250  1.00 0.00 ? 3 DG  B C5     1 
ATOM   235 C C6     . DG  B 1 2 ? 2.469   3.073   -2.887  1.00 0.00 ? 3 DG  B C6     1 
ATOM   236 O O6     . DG  B 1 2 ? 1.635   3.413   -2.042  1.00 0.00 ? 3 DG  B O6     1 
ATOM   237 N N1     . DG  B 1 2 ? 3.812   2.983   -2.538  1.00 0.00 ? 3 DG  B N1     1 
ATOM   238 C C2     . DG  B 1 2 ? 4.825   2.615   -3.386  1.00 0.00 ? 3 DG  B C2     1 
ATOM   239 N N2     . DG  B 1 2 ? 6.053   2.588   -2.861  1.00 0.00 ? 3 DG  B N2     1 
ATOM   240 N N3     . DG  B 1 2 ? 4.646   2.300   -4.656  1.00 0.00 ? 3 DG  B N3     1 
ATOM   241 C C4     . DG  B 1 2 ? 3.349   2.384   -5.018  1.00 0.00 ? 3 DG  B C4     1 
ATOM   242 H "H5'"  . DG  B 1 2 ? 2.803   4.125   -10.284 1.00 0.00 ? 3 DG  B "H5'"  1 
ATOM   243 H "H5''" . DG  B 1 2 ? 3.102   2.965   -11.595 1.00 0.00 ? 3 DG  B "H5''" 1 
ATOM   244 H "H4'"  . DG  B 1 2 ? 4.801   2.528   -10.107 1.00 0.00 ? 3 DG  B "H4'"  1 
ATOM   245 H "H3'"  . DG  B 1 2 ? 3.020   0.459   -10.426 1.00 0.00 ? 3 DG  B "H3'"  1 
ATOM   246 H "H2'"  . DG  B 1 2 ? 1.910   0.685   -8.317  1.00 0.00 ? 3 DG  B "H2'"  1 
ATOM   247 H "H2''" . DG  B 1 2 ? 3.226   -0.385  -7.857  1.00 0.00 ? 3 DG  B "H2''" 1 
ATOM   248 H "H1'"  . DG  B 1 2 ? 4.623   1.465   -7.129  1.00 0.00 ? 3 DG  B "H1'"  1 
ATOM   249 H H8     . DG  B 1 2 ? 0.816   2.192   -7.020  1.00 0.00 ? 3 DG  B H8     1 
ATOM   250 H H1     . DG  B 1 2 ? 4.057   3.205   -1.584  1.00 0.00 ? 3 DG  B H1     1 
ATOM   251 H H21    . DG  B 1 2 ? 6.195   2.837   -1.891  1.00 0.00 ? 3 DG  B H21    1 
ATOM   252 H H22    . DG  B 1 2 ? 6.839   2.325   -3.438  1.00 0.00 ? 3 DG  B H22    1 
ATOM   253 P P      . DC  B 1 3 ? 5.069   -1.380  -9.350  1.00 0.00 ? 4 DC  B P      1 
ATOM   254 O OP1    . DC  B 1 3 ? 6.385   -1.842  -9.858  1.00 0.00 ? 4 DC  B OP1    1 
ATOM   255 O OP2    . DC  B 1 3 ? 3.826   -2.050  -9.813  1.00 0.00 ? 4 DC  B OP2    1 
ATOM   256 O "O5'"  . DC  B 1 3 ? 5.096   -1.439  -7.757  1.00 0.00 ? 4 DC  B "O5'"  1 
ATOM   257 C "C5'"  . DC  B 1 3 ? 6.206   -0.920  -7.020  1.00 0.00 ? 4 DC  B "C5'"  1 
ATOM   258 C "C4'"  . DC  B 1 3 ? 6.100   -1.317  -5.565  1.00 0.00 ? 4 DC  B "C4'"  1 
ATOM   259 O "O4'"  . DC  B 1 3 ? 5.047   -0.547  -4.945  1.00 0.00 ? 4 DC  B "O4'"  1 
ATOM   260 C "C3'"  . DC  B 1 3 ? 5.748   -2.788  -5.316  1.00 0.00 ? 4 DC  B "C3'"  1 
ATOM   261 O "O3'"  . DC  B 1 3 ? 6.858   -3.460  -4.711  1.00 0.00 ? 4 DC  B "O3'"  1 
ATOM   262 C "C2'"  . DC  B 1 3 ? 4.563   -2.745  -4.358  1.00 0.00 ? 4 DC  B "C2'"  1 
ATOM   263 C "C1'"  . DC  B 1 3 ? 4.524   -1.307  -3.882  1.00 0.00 ? 4 DC  B "C1'"  1 
ATOM   264 N N1     . DC  B 1 3 ? 3.182   -0.789  -3.567  1.00 0.00 ? 4 DC  B N1     1 
ATOM   265 C C2     . DC  B 1 3 ? 2.964   -0.191  -2.323  1.00 0.00 ? 4 DC  B C2     1 
ATOM   266 O O2     . DC  B 1 3 ? 3.908   -0.108  -1.522  1.00 0.00 ? 4 DC  B O2     1 
ATOM   267 N N3     . DC  B 1 3 ? 1.734   0.282   -2.023  1.00 0.00 ? 4 DC  B N3     1 
ATOM   268 C C4     . DC  B 1 3 ? 0.745   0.178   -2.911  1.00 0.00 ? 4 DC  B C4     1 
ATOM   269 N N4     . DC  B 1 3 ? -0.452  0.662   -2.572  1.00 0.00 ? 4 DC  B N4     1 
ATOM   270 C C5     . DC  B 1 3 ? 0.938   -0.426  -4.188  1.00 0.00 ? 4 DC  B C5     1 
ATOM   271 C C6     . DC  B 1 3 ? 2.161   -0.890  -4.471  1.00 0.00 ? 4 DC  B C6     1 
ATOM   272 H "H5'"  . DC  B 1 3 ? 6.217   0.167   -7.093  1.00 0.00 ? 4 DC  B "H5'"  1 
ATOM   273 H "H5''" . DC  B 1 3 ? 7.134   -1.316  -7.430  1.00 0.00 ? 4 DC  B "H5''" 1 
ATOM   274 H "H4'"  . DC  B 1 3 ? 7.078   -1.150  -5.110  1.00 0.00 ? 4 DC  B "H4'"  1 
ATOM   275 H "H3'"  . DC  B 1 3 ? 5.495   -3.291  -6.249  1.00 0.00 ? 4 DC  B "H3'"  1 
ATOM   276 H "H2'"  . DC  B 1 3 ? 3.639   -3.040  -4.855  1.00 0.00 ? 4 DC  B "H2'"  1 
ATOM   277 H "H2''" . DC  B 1 3 ? 4.710   -3.418  -3.513  1.00 0.00 ? 4 DC  B "H2''" 1 
ATOM   278 H "H1'"  . DC  B 1 3 ? 5.169   -1.162  -3.013  1.00 0.00 ? 4 DC  B "H1'"  1 
ATOM   279 H H41    . DC  B 1 3 ? -0.584  1.083   -1.662  1.00 0.00 ? 4 DC  B H41    1 
ATOM   280 H H42    . DC  B 1 3 ? -1.226  0.603   -3.218  1.00 0.00 ? 4 DC  B H42    1 
ATOM   281 H H5     . DC  B 1 3 ? 0.121   -0.505  -4.906  1.00 0.00 ? 4 DC  B H5     1 
ATOM   282 H H6     . DC  B 1 3 ? 2.345   -1.355  -5.440  1.00 0.00 ? 4 DC  B H6     1 
ATOM   283 P P      . DG  B 1 4 ? 6.750   -5.026  -4.359  1.00 0.00 ? 5 DG  B P      1 
ATOM   284 O OP1    . DG  B 1 4 ? 8.114   -5.531  -4.060  1.00 0.00 ? 5 DG  B OP1    1 
ATOM   285 O OP2    . DG  B 1 4 ? 5.947   -5.670  -5.428  1.00 0.00 ? 5 DG  B OP2    1 
ATOM   286 O "O5'"  . DG  B 1 4 ? 5.897   -5.061  -3.012  1.00 0.00 ? 5 DG  B "O5'"  1 
ATOM   287 C "C5'"  . DG  B 1 4 ? 6.443   -4.582  -1.781  1.00 0.00 ? 5 DG  B "C5'"  1 
ATOM   288 C "C4'"  . DG  B 1 4 ? 5.511   -4.902  -0.635  1.00 0.00 ? 5 DG  B "C4'"  1 
ATOM   289 O "O4'"  . DG  B 1 4 ? 4.502   -3.876  -0.553  1.00 0.00 ? 5 DG  B "O4'"  1 
ATOM   290 C "C3'"  . DG  B 1 4 ? 4.740   -6.216  -0.767  1.00 0.00 ? 5 DG  B "C3'"  1 
ATOM   291 O "O3'"  . DG  B 1 4 ? 5.390   -7.247  -0.010  1.00 0.00 ? 5 DG  B "O3'"  1 
ATOM   292 C "C2'"  . DG  B 1 4 ? 3.365   -5.901  -0.190  1.00 0.00 ? 5 DG  B "C2'"  1 
ATOM   293 C "C1'"  . DG  B 1 4 ? 3.388   -4.412  0.128   1.00 0.00 ? 5 DG  B "C1'"  1 
ATOM   294 N N9     . DG  B 1 4 ? 2.199   -3.686  -0.308  1.00 0.00 ? 5 DG  B N9     1 
ATOM   295 C C8     . DG  B 1 4 ? 1.594   -3.747  -1.539  1.00 0.00 ? 5 DG  B C8     1 
ATOM   296 N N7     . DG  B 1 4 ? 0.532   -2.995  -1.630  1.00 0.00 ? 5 DG  B N7     1 
ATOM   297 C C5     . DG  B 1 4 ? 0.432   -2.393  -0.382  1.00 0.00 ? 5 DG  B C5     1 
ATOM   298 C C6     . DG  B 1 4 ? -0.523  -1.472  0.121   1.00 0.00 ? 5 DG  B C6     1 
ATOM   299 O O6     . DG  B 1 4 ? -1.503  -0.986  -0.453  1.00 0.00 ? 5 DG  B O6     1 
ATOM   300 N N1     . DG  B 1 4 ? -0.248  -1.118  1.438   1.00 0.00 ? 5 DG  B N1     1 
ATOM   301 C C2     . DG  B 1 4 ? 0.809   -1.588  2.176   1.00 0.00 ? 5 DG  B C2     1 
ATOM   302 N N2     . DG  B 1 4 ? 0.908   -1.126  3.427   1.00 0.00 ? 5 DG  B N2     1 
ATOM   303 N N3     . DG  B 1 4 ? 1.704   -2.447  1.720   1.00 0.00 ? 5 DG  B N3     1 
ATOM   304 C C4     . DG  B 1 4 ? 1.457   -2.806  0.444   1.00 0.00 ? 5 DG  B C4     1 
ATOM   305 H "H5'"  . DG  B 1 4 ? 6.582   -3.502  -1.837  1.00 0.00 ? 5 DG  B "H5'"  1 
ATOM   306 H "H5''" . DG  B 1 4 ? 7.409   -5.057  -1.600  1.00 0.00 ? 5 DG  B "H5''" 1 
ATOM   307 H "H4'"  . DG  B 1 4 ? 6.117   -4.984  0.269   1.00 0.00 ? 5 DG  B "H4'"  1 
ATOM   308 H "H3'"  . DG  B 1 4 ? 4.679   -6.528  -1.811  1.00 0.00 ? 5 DG  B "H3'"  1 
ATOM   309 H "H2'"  . DG  B 1 4 ? 2.572   -6.161  -0.889  1.00 0.00 ? 5 DG  B "H2'"  1 
ATOM   310 H "H2''" . DG  B 1 4 ? 3.187   -6.451  0.733   1.00 0.00 ? 5 DG  B "H2''" 1 
ATOM   311 H "H1'"  . DG  B 1 4 ? 3.529   -4.243  1.196   1.00 0.00 ? 5 DG  B "H1'"  1 
ATOM   312 H H8     . DG  B 1 4 ? 1.960   -4.358  -2.351  1.00 0.00 ? 5 DG  B H8     1 
ATOM   313 H H1     . DG  B 1 4 ? -0.877  -0.465  1.885   1.00 0.00 ? 5 DG  B H1     1 
ATOM   314 H H21    . DG  B 1 4 ? 0.234   -0.461  3.786   1.00 0.00 ? 5 DG  B H21    1 
ATOM   315 H H22    . DG  B 1 4 ? 1.668   -1.441  4.012   1.00 0.00 ? 5 DG  B H22    1 
ATOM   316 P P      . DC  B 1 5 ? 4.576   -8.572  0.410   1.00 0.00 ? 6 DC  B P      1 
ATOM   317 O OP1    . DC  B 1 5 ? 5.571   -9.651  0.638   1.00 0.00 ? 6 DC  B OP1    1 
ATOM   318 O OP2    . DC  B 1 5 ? 3.473   -8.783  -0.562  1.00 0.00 ? 6 DC  B OP2    1 
ATOM   319 O "O5'"  . DC  B 1 5 ? 3.930   -8.191  1.817   1.00 0.00 ? 6 DC  B "O5'"  1 
ATOM   320 C "C5'"  . DC  B 1 5 ? 4.746   -7.761  2.908   1.00 0.00 ? 6 DC  B "C5'"  1 
ATOM   321 C "C4'"  . DC  B 1 5 ? 3.902   -7.549  4.145   1.00 0.00 ? 6 DC  B "C4'"  1 
ATOM   322 O "O4'"  . DC  B 1 5 ? 2.878   -6.568  3.851   1.00 0.00 ? 6 DC  B "O4'"  1 
ATOM   323 C "C3'"  . DC  B 1 5 ? 3.160   -8.785  4.652   1.00 0.00 ? 6 DC  B "C3'"  1 
ATOM   324 O "O3'"  . DC  B 1 5 ? 3.068   -8.749  6.082   1.00 0.00 ? 6 DC  B "O3'"  1 
ATOM   325 C "C2'"  . DC  B 1 5 ? 1.790   -8.653  4.012   1.00 0.00 ? 6 DC  B "C2'"  1 
ATOM   326 C "C1'"  . DC  B 1 5 ? 1.586   -7.147  3.963   1.00 0.00 ? 6 DC  B "C1'"  1 
ATOM   327 N N1     . DC  B 1 5 ? 0.783   -6.672  2.825   1.00 0.00 ? 6 DC  B N1     1 
ATOM   328 C C2     . DC  B 1 5 ? -0.219  -5.724  3.052   1.00 0.00 ? 6 DC  B C2     1 
ATOM   329 O O2     . DC  B 1 5 ? -0.414  -5.321  4.207   1.00 0.00 ? 6 DC  B O2     1 
ATOM   330 N N3     . DC  B 1 5 ? -0.951  -5.272  2.008   1.00 0.00 ? 6 DC  B N3     1 
ATOM   331 C C4     . DC  B 1 5 ? -0.713  -5.733  0.778   1.00 0.00 ? 6 DC  B C4     1 
ATOM   332 N N4     . DC  B 1 5 ? -1.454  -5.256  -0.222  1.00 0.00 ? 6 DC  B N4     1 
ATOM   333 C C5     . DC  B 1 5 ? 0.297   -6.704  0.520   1.00 0.00 ? 6 DC  B C5     1 
ATOM   334 C C6     . DC  B 1 5 ? 1.013   -7.141  1.563   1.00 0.00 ? 6 DC  B C6     1 
ATOM   335 H "H5'"  . DC  B 1 5 ? 5.240   -6.824  2.650   1.00 0.00 ? 6 DC  B "H5'"  1 
ATOM   336 H "H5''" . DC  B 1 5 ? 5.504   -8.516  3.120   1.00 0.00 ? 6 DC  B "H5''" 1 
ATOM   337 H "H4'"  . DC  B 1 5 ? 4.572   -7.238  4.949   1.00 0.00 ? 6 DC  B "H4'"  1 
ATOM   338 H "H3'"  . DC  B 1 5 ? 3.667   -9.701  4.347   1.00 0.00 ? 6 DC  B "H3'"  1 
ATOM   339 H "H2'"  . DC  B 1 5 ? 1.770   -9.106  3.022   1.00 0.00 ? 6 DC  B "H2'"  1 
ATOM   340 H "H2''" . DC  B 1 5 ? 1.024   -9.143  4.611   1.00 0.00 ? 6 DC  B "H2''" 1 
ATOM   341 H "H1'"  . DC  B 1 5 ? 1.132   -6.783  4.886   1.00 0.00 ? 6 DC  B "H1'"  1 
ATOM   342 H H41    . DC  B 1 5 ? -2.171  -4.568  -0.039  1.00 0.00 ? 6 DC  B H41    1 
ATOM   343 H H42    . DC  B 1 5 ? -1.302  -5.580  -1.166  1.00 0.00 ? 6 DC  B H42    1 
ATOM   344 H H5     . DC  B 1 5 ? 0.481   -7.076  -0.489  1.00 0.00 ? 6 DC  B H5     1 
ATOM   345 H H6     . DC  B 1 5 ? 1.792   -7.886  1.401   1.00 0.00 ? 6 DC  B H6     1 
ATOM   346 P P      . DA  B 1 6 ? 2.349   -9.952  6.871   1.00 0.00 ? 7 DA  B P      1 
ATOM   347 O OP1    . DA  B 1 6 ? 3.200   -10.281 8.043   1.00 0.00 ? 7 DA  B OP1    1 
ATOM   348 O OP2    . DA  B 1 6 ? 1.995   -11.019 5.900   1.00 0.00 ? 7 DA  B OP2    1 
ATOM   349 O "O5'"  . DA  B 1 6 ? 0.997   -9.303  7.411   1.00 0.00 ? 7 DA  B "O5'"  1 
ATOM   350 C "C5'"  . DA  B 1 6 ? 0.968   -7.959  7.898   1.00 0.00 ? 7 DA  B "C5'"  1 
ATOM   351 C "C4'"  . DA  B 1 6 ? -0.342  -7.683  8.600   1.00 0.00 ? 7 DA  B "C4'"  1 
ATOM   352 O "O4'"  . DA  B 1 6 ? -1.254  -7.058  7.668   1.00 0.00 ? 7 DA  B "O4'"  1 
ATOM   353 C "C3'"  . DA  B 1 6 ? -1.078  -8.915  9.117   1.00 0.00 ? 7 DA  B "C3'"  1 
ATOM   354 O "O3'"  . DA  B 1 6 ? -1.881  -8.587  10.255  1.00 0.00 ? 7 DA  B "O3'"  1 
ATOM   355 C "C2'"  . DA  B 1 6 ? -1.952  -9.309  7.942   1.00 0.00 ? 7 DA  B "C2'"  1 
ATOM   356 C "C1'"  . DA  B 1 6 ? -2.268  -7.975  7.275   1.00 0.00 ? 7 DA  B "C1'"  1 
ATOM   357 N N9     . DA  B 1 6 ? -2.285  -8.021  5.813   1.00 0.00 ? 7 DA  B N9     1 
ATOM   358 C C8     . DA  B 1 6 ? -1.533  -8.821  4.993   1.00 0.00 ? 7 DA  B C8     1 
ATOM   359 N N7     . DA  B 1 6 ? -1.766  -8.636  3.715   1.00 0.00 ? 7 DA  B N7     1 
ATOM   360 C C5     . DA  B 1 6 ? -2.743  -7.652  3.695   1.00 0.00 ? 7 DA  B C5     1 
ATOM   361 C C6     . DA  B 1 6 ? -3.428  -7.018  2.643   1.00 0.00 ? 7 DA  B C6     1 
ATOM   362 N N6     . DA  B 1 6 ? -3.222  -7.289  1.352   1.00 0.00 ? 7 DA  B N6     1 
ATOM   363 N N1     . DA  B 1 6 ? -4.346  -6.083  2.966   1.00 0.00 ? 7 DA  B N1     1 
ATOM   364 C C2     . DA  B 1 6 ? -4.555  -5.809  4.260   1.00 0.00 ? 7 DA  B C2     1 
ATOM   365 N N3     . DA  B 1 6 ? -3.977  -6.335  5.336   1.00 0.00 ? 7 DA  B N3     1 
ATOM   366 C C4     . DA  B 1 6 ? -3.071  -7.262  4.980   1.00 0.00 ? 7 DA  B C4     1 
ATOM   367 H "H5'"  . DA  B 1 6 ? 1.079   -7.266  7.064   1.00 0.00 ? 7 DA  B "H5'"  1 
ATOM   368 H "H5''" . DA  B 1 6 ? 1.788   -7.806  8.600   1.00 0.00 ? 7 DA  B "H5''" 1 
ATOM   369 H "H4'"  . DA  B 1 6 ? -0.125  -7.059  9.469   1.00 0.00 ? 7 DA  B "H4'"  1 
ATOM   370 H "H3'"  . DA  B 1 6 ? -0.379  -9.706  9.386   1.00 0.00 ? 7 DA  B "H3'"  1 
ATOM   371 H "HO3'" . DA  B 1 6 ? -2.152  -7.671  10.155  1.00 0.00 ? 7 DA  B "HO3'" 1 
ATOM   372 H "H2'"  . DA  B 1 6 ? -1.430  -9.991  7.272   1.00 0.00 ? 7 DA  B "H2'"  1 
ATOM   373 H "H2''" . DA  B 1 6 ? -2.862  -9.807  8.274   1.00 0.00 ? 7 DA  B "H2''" 1 
ATOM   374 H "H1'"  . DA  B 1 6 ? -3.227  -7.585  7.619   1.00 0.00 ? 7 DA  B "H1'"  1 
ATOM   375 H H8     . DA  B 1 6 ? -0.826  -9.547  5.366   1.00 0.00 ? 7 DA  B H8     1 
ATOM   376 H H61    . DA  B 1 6 ? -3.748  -6.797  0.643   1.00 0.00 ? 7 DA  B H61    1 
ATOM   377 H H62    . DA  B 1 6 ? -2.542  -7.985  1.088   1.00 0.00 ? 7 DA  B H62    1 
ATOM   378 H H2     . DA  B 1 6 ? -5.308  -5.046  4.461   1.00 0.00 ? 7 DA  B H2     1 
HETATM 379 C C1     . CHD C 2 . ? -6.662  -10.518 7.052   1.00 0.00 ? 1 CHD A C1     1 
HETATM 380 C C2     . CHD C 2 . ? -7.122  -11.975 7.096   1.00 0.00 ? 1 CHD A C2     1 
HETATM 381 C C3     . CHD C 2 . ? -5.904  -12.890 7.064   1.00 0.00 ? 1 CHD A C3     1 
HETATM 382 O O3     . CHD C 2 . ? -6.298  -14.277 7.064   1.00 0.00 ? 1 CHD A O3     1 
HETATM 383 C C4     . CHD C 2 . ? -5.097  -12.629 5.808   1.00 0.00 ? 1 CHD A C4     1 
HETATM 384 C C5     . CHD C 2 . ? -4.651  -11.161 5.683   1.00 0.00 ? 1 CHD A C5     1 
HETATM 385 C C6     . CHD C 2 . ? -3.814  -10.929 4.415   1.00 0.00 ? 1 CHD A C6     1 
HETATM 386 C C7     . CHD C 2 . ? -4.611  -10.839 3.113   1.00 0.00 ? 1 CHD A C7     1 
HETATM 387 O O7     . CHD C 2 . ? -4.990  -12.159 2.677   1.00 0.00 ? 1 CHD A O7     1 
HETATM 388 C C8     . CHD C 2 . ? -5.820  -9.894  3.246   1.00 0.00 ? 1 CHD A C8     1 
HETATM 389 C C9     . CHD C 2 . ? -6.683  -10.226 4.480   1.00 0.00 ? 1 CHD A C9     1 
HETATM 390 C C10    . CHD C 2 . ? -5.836  -10.144 5.799   1.00 0.00 ? 1 CHD A C10    1 
HETATM 391 C C11    . CHD C 2 . ? -7.954  -9.342  4.539   1.00 0.00 ? 1 CHD A C11    1 
HETATM 392 C C12    . CHD C 2 . ? -8.773  -9.288  3.225   1.00 0.00 ? 1 CHD A C12    1 
HETATM 393 O O12    . CHD C 2 . ? -9.381  -10.565 2.963   1.00 0.00 ? 1 CHD A O12    1 
HETATM 394 C C13    . CHD C 2 . ? -7.874  -8.893  2.040   1.00 0.00 ? 1 CHD A C13    1 
HETATM 395 C C14    . CHD C 2 . ? -6.680  -9.880  1.984   1.00 0.00 ? 1 CHD A C14    1 
HETATM 396 C C15    . CHD C 2 . ? -5.983  -9.557  0.658   1.00 0.00 ? 1 CHD A C15    1 
HETATM 397 C C16    . CHD C 2 . ? -7.126  -9.079  -0.275  1.00 0.00 ? 1 CHD A C16    1 
HETATM 398 C C17    . CHD C 2 . ? -8.440  -9.078  0.585   1.00 0.00 ? 1 CHD A C17    1 
HETATM 399 C C18    . CHD C 2 . ? -7.434  -7.435  2.253   1.00 0.00 ? 1 CHD A C18    1 
HETATM 400 C C19    . CHD C 2 . ? -5.288  -8.736  6.041   1.00 0.00 ? 1 CHD A C19    1 
HETATM 401 C C20    . CHD C 2 . ? -9.480  -8.053  0.058   1.00 0.00 ? 1 CHD A C20    1 
HETATM 402 C C21    . CHD C 2 . ? -10.754 -8.060  0.890   1.00 0.00 ? 1 CHD A C21    1 
HETATM 403 C C22    . CHD C 2 . ? -9.789  -8.311  -1.433  1.00 0.00 ? 1 CHD A C22    1 
HETATM 404 C C23    . CHD C 2 . ? -11.079 -7.635  -1.915  1.00 0.00 ? 1 CHD A C23    1 
HETATM 405 O O25    . CHD C 2 . ? -10.334 -5.473  -2.572  1.00 0.00 ? 1 CHD A O25    1 
HETATM 406 C C24    . CHD C 2 . ? -10.979 -6.127  -1.839  1.00 0.00 ? 1 CHD A C24    1 
HETATM 407 H H11    . CHD C 2 . ? -6.017  -10.335 7.893   1.00 0.00 ? 1 CHD A H11    1 
HETATM 408 H H12A   . CHD C 2 . ? -7.529  -9.882  7.144   1.00 0.00 ? 1 CHD A H12A   1 
HETATM 409 H H21    . CHD C 2 . ? -7.793  -12.174 6.278   1.00 0.00 ? 1 CHD A H21    1 
HETATM 410 H H22    . CHD C 2 . ? -7.689  -12.188 7.986   1.00 0.00 ? 1 CHD A H22    1 
HETATM 411 H H3     . CHD C 2 . ? -5.335  -12.709 7.962   1.00 0.00 ? 1 CHD A H3     1 
HETATM 412 H HO3    . CHD C 2 . ? -5.581  -14.791 7.228   1.00 0.00 ? 1 CHD A HO3    1 
HETATM 413 H H41    . CHD C 2 . ? -5.669  -12.954 4.954   1.00 0.00 ? 1 CHD A H41    1 
HETATM 414 H H42    . CHD C 2 . ? -4.215  -13.245 5.788   1.00 0.00 ? 1 CHD A H42    1 
HETATM 415 H H5     . CHD C 2 . ? -4.011  -10.927 6.518   1.00 0.00 ? 1 CHD A H5     1 
HETATM 416 H H61    . CHD C 2 . ? -3.052  -11.689 4.413   1.00 0.00 ? 1 CHD A H61    1 
HETATM 417 H H62    . CHD C 2 . ? -3.251  -10.019 4.513   1.00 0.00 ? 1 CHD A H62    1 
HETATM 418 H H7     . CHD C 2 . ? -3.975  -10.420 2.351   1.00 0.00 ? 1 CHD A H7     1 
HETATM 419 H HO7    . CHD C 2 . ? -5.570  -12.651 3.128   1.00 0.00 ? 1 CHD A HO7    1 
HETATM 420 H H8     . CHD C 2 . ? -5.450  -8.886  3.348   1.00 0.00 ? 1 CHD A H8     1 
HETATM 421 H H9     . CHD C 2 . ? -7.067  -11.230 4.424   1.00 0.00 ? 1 CHD A H9     1 
HETATM 422 H H111   . CHD C 2 . ? -7.638  -8.350  4.816   1.00 0.00 ? 1 CHD A H111   1 
HETATM 423 H H112   . CHD C 2 . ? -8.641  -9.715  5.278   1.00 0.00 ? 1 CHD A H112   1 
HETATM 424 H H12    . CHD C 2 . ? -9.574  -8.566  3.299   1.00 0.00 ? 1 CHD A H12    1 
HETATM 425 H HO12   . CHD C 2 . ? -9.797  -10.570 2.139   1.00 0.00 ? 1 CHD A HO12   1 
HETATM 426 H H14    . CHD C 2 . ? -7.071  -10.877 1.870   1.00 0.00 ? 1 CHD A H14    1 
HETATM 427 H H151   . CHD C 2 . ? -5.447  -10.393 0.241   1.00 0.00 ? 1 CHD A H151   1 
HETATM 428 H H152   . CHD C 2 . ? -5.188  -8.843  0.793   1.00 0.00 ? 1 CHD A H152   1 
HETATM 429 H H161   . CHD C 2 . ? -7.233  -9.729  -1.126  1.00 0.00 ? 1 CHD A H161   1 
HETATM 430 H H162   . CHD C 2 . ? -6.943  -8.082  -0.643  1.00 0.00 ? 1 CHD A H162   1 
HETATM 431 H H17    . CHD C 2 . ? -8.939  -10.033 0.568   1.00 0.00 ? 1 CHD A H17    1 
HETATM 432 H H181   . CHD C 2 . ? -8.218  -6.764  1.935   1.00 0.00 ? 1 CHD A H181   1 
HETATM 433 H H182   . CHD C 2 . ? -6.549  -7.215  1.675   1.00 0.00 ? 1 CHD A H182   1 
HETATM 434 H H183   . CHD C 2 . ? -7.227  -7.238  3.294   1.00 0.00 ? 1 CHD A H183   1 
HETATM 435 H H191   . CHD C 2 . ? -4.316  -8.743  6.512   1.00 0.00 ? 1 CHD A H191   1 
HETATM 436 H H192   . CHD C 2 . ? -5.912  -8.171  6.718   1.00 0.00 ? 1 CHD A H192   1 
HETATM 437 H H193   . CHD C 2 . ? -5.247  -8.205  5.101   1.00 0.00 ? 1 CHD A H193   1 
HETATM 438 H H20    . CHD C 2 . ? -9.054  -7.062  0.095   1.00 0.00 ? 1 CHD A H20    1 
HETATM 439 H H211   . CHD C 2 . ? -10.678 -8.646  1.793   1.00 0.00 ? 1 CHD A H211   1 
HETATM 440 H H212   . CHD C 2 . ? -11.631 -8.395  0.358   1.00 0.00 ? 1 CHD A H212   1 
HETATM 441 H H213   . CHD C 2 . ? -11.006 -7.052  1.185   1.00 0.00 ? 1 CHD A H213   1 
HETATM 442 H H221   . CHD C 2 . ? -9.828  -9.359  -1.678  1.00 0.00 ? 1 CHD A H221   1 
HETATM 443 H H222   . CHD C 2 . ? -8.911  -8.042  -1.998  1.00 0.00 ? 1 CHD A H222   1 
HETATM 444 H H231   . CHD C 2 . ? -11.890 -7.949  -1.280  1.00 0.00 ? 1 CHD A H231   1 
HETATM 445 H H232   . CHD C 2 . ? -11.289 -7.900  -2.938  1.00 0.00 ? 1 CHD A H232   1 
HETATM 446 C C1     . CHD D 2 . ? 8.326   9.652   -5.934  1.00 0.00 ? 1 CHD B C1     1 
HETATM 447 C C2     . CHD D 2 . ? 8.742   11.119  -6.045  1.00 0.00 ? 1 CHD B C2     1 
HETATM 448 C C3     . CHD D 2 . ? 9.288   11.593  -4.702  1.00 0.00 ? 1 CHD B C3     1 
HETATM 449 O O3     . CHD D 2 . ? 9.653   12.986  -4.756  1.00 0.00 ? 1 CHD B O3     1 
HETATM 450 C C4     . CHD D 2 . ? 8.231   11.425  -3.631  1.00 0.00 ? 1 CHD B C4     1 
HETATM 451 C C5     . CHD D 2 . ? 7.734   9.972   -3.508  1.00 0.00 ? 1 CHD B C5     1 
HETATM 452 C C6     . CHD D 2 . ? 6.682   9.824   -2.397  1.00 0.00 ? 1 CHD B C6     1 
HETATM 453 C C7     . CHD D 2 . ? 5.277   10.316  -2.754  1.00 0.00 ? 1 CHD B C7     1 
HETATM 454 O O7     . CHD D 2 . ? 5.227   11.753  -2.676  1.00 0.00 ? 1 CHD B O7     1 
HETATM 455 C C8     . CHD D 2 . ? 4.818   9.786   -4.127  1.00 0.00 ? 1 CHD B C8     1 
HETATM 456 C C9     . CHD D 2 . ? 5.866   10.042  -5.229  1.00 0.00 ? 1 CHD B C9     1 
HETATM 457 C C10    . CHD D 2 . ? 7.239   9.373   -4.868  1.00 0.00 ? 1 CHD B C10    1 
HETATM 458 C C11    . CHD D 2 . ? 5.343   9.605   -6.621  1.00 0.00 ? 1 CHD B C11    1 
HETATM 459 C C12    . CHD D 2 . ? 3.937   10.140  -6.988  1.00 0.00 ? 1 CHD B C12    1 
HETATM 460 O O12    . CHD D 2 . ? 3.979   11.565  -7.184  1.00 0.00 ? 1 CHD B O12    1 
HETATM 461 C C13    . CHD D 2 . ? 2.922   9.804   -5.882  1.00 0.00 ? 1 CHD B C13    1 
HETATM 462 C C14    . CHD D 2 . ? 3.463   10.356  -4.539  1.00 0.00 ? 1 CHD B C14    1 
HETATM 463 C C15    . CHD D 2 . ? 2.296   10.183  -3.560  1.00 0.00 ? 1 CHD B C15    1 
HETATM 464 C C16    . CHD D 2 . ? 1.026   10.331  -4.438  1.00 0.00 ? 1 CHD B C16    1 
HETATM 465 C C17    . CHD D 2 . ? 1.519   10.514  -5.918  1.00 0.00 ? 1 CHD B C17    1 
HETATM 466 C C18    . CHD D 2 . ? 2.738   8.278   -5.869  1.00 0.00 ? 1 CHD B C18    1 
HETATM 467 C C19    . CHD D 2 . ? 7.122   7.853   -4.755  1.00 0.00 ? 1 CHD B C19    1 
HETATM 468 C C20    . CHD D 2 . ? 0.465   10.026  -6.948  1.00 0.00 ? 1 CHD B C20    1 
HETATM 469 C C21    . CHD D 2 . ? 0.941   10.211  -8.381  1.00 0.00 ? 1 CHD B C21    1 
HETATM 470 C C22    . CHD D 2 . ? -0.888  10.734  -6.717  1.00 0.00 ? 1 CHD B C22    1 
HETATM 471 C C23    . CHD D 2 . ? -1.858  10.596  -7.898  1.00 0.00 ? 1 CHD B C23    1 
HETATM 472 O O25    . CHD D 2 . ? -2.997  8.568   -7.404  1.00 0.00 ? 1 CHD B O25    1 
HETATM 473 C C24    . CHD D 2 . ? -2.270  9.158   -8.114  1.00 0.00 ? 1 CHD B C24    1 
HETATM 474 H H11    . CHD D 2 . ? 9.182   9.075   -5.636  1.00 0.00 ? 1 CHD B H11    1 
HETATM 475 H H12A   . CHD D 2 . ? 8.007   9.311   -6.906  1.00 0.00 ? 1 CHD B H12A   1 
HETATM 476 H H21    . CHD D 2 . ? 7.906   11.715  -6.370  1.00 0.00 ? 1 CHD B H21    1 
HETATM 477 H H22    . CHD D 2 . ? 9.501   11.263  -6.795  1.00 0.00 ? 1 CHD B H22    1 
HETATM 478 H H3     . CHD D 2 . ? 10.180  11.025  -4.493  1.00 0.00 ? 1 CHD B H3     1 
HETATM 479 H HO3    . CHD D 2 . ? 10.135  13.197  -4.027  1.00 0.00 ? 1 CHD B HO3    1 
HETATM 480 H H41    . CHD D 2 . ? 7.425   12.114  -3.823  1.00 0.00 ? 1 CHD B H41    1 
HETATM 481 H H42    . CHD D 2 . ? 8.614   11.724  -2.668  1.00 0.00 ? 1 CHD B H42    1 
HETATM 482 H H5     . CHD D 2 . ? 8.567   9.349   -3.225  1.00 0.00 ? 1 CHD B H5     1 
HETATM 483 H H61    . CHD D 2 . ? 7.100   10.286  -1.519  1.00 0.00 ? 1 CHD B H61    1 
HETATM 484 H H62    . CHD D 2 . ? 6.599   8.790   -2.110  1.00 0.00 ? 1 CHD B H62    1 
HETATM 485 H H7     . CHD D 2 . ? 4.584   9.929   -2.027  1.00 0.00 ? 1 CHD B H7     1 
HETATM 486 H HO7    . CHD D 2 . ? 5.670   12.267  -3.242  1.00 0.00 ? 1 CHD B HO7    1 
HETATM 487 H H8     . CHD D 2 . ? 4.664   8.721   -4.042  1.00 0.00 ? 1 CHD B H8     1 
HETATM 488 H H9     . CHD D 2 . ? 6.059   11.096  -5.342  1.00 0.00 ? 1 CHD B H9     1 
HETATM 489 H H111   . CHD D 2 . ? 5.343   8.528   -6.635  1.00 0.00 ? 1 CHD B H111   1 
HETATM 490 H H112   . CHD D 2 . ? 5.990   9.971   -7.400  1.00 0.00 ? 1 CHD B H112   1 
HETATM 491 H H12    . CHD D 2 . ? 3.587   9.704   -7.913  1.00 0.00 ? 1 CHD B H12    1 
HETATM 492 H HO12   . CHD D 2 . ? 4.177   12.001  -6.396  1.00 0.00 ? 1 CHD B HO12   1 
HETATM 493 H H14    . CHD D 2 . ? 3.597   11.421  -4.642  1.00 0.00 ? 1 CHD B H14    1 
HETATM 494 H H151   . CHD D 2 . ? 2.308   10.892  -2.749  1.00 0.00 ? 1 CHD B H151   1 
HETATM 495 H H152   . CHD D 2 . ? 2.364   9.250   -3.026  1.00 0.00 ? 1 CHD B H152   1 
HETATM 496 H H161   . CHD D 2 . ? 0.435   11.176  -4.131  1.00 0.00 ? 1 CHD B H161   1 
HETATM 497 H H162   . CHD D 2 . ? 0.403   9.453   -4.380  1.00 0.00 ? 1 CHD B H162   1 
HETATM 498 H H17    . CHD D 2 . ? 1.706   11.549  -6.160  1.00 0.00 ? 1 CHD B H17    1 
HETATM 499 H H181   . CHD D 2 . ? 1.692   8.035   -5.745  1.00 0.00 ? 1 CHD B H181   1 
HETATM 500 H H182   . CHD D 2 . ? 3.283   7.834   -5.048  1.00 0.00 ? 1 CHD B H182   1 
HETATM 501 H H183   . CHD D 2 . ? 3.075   7.836   -6.793  1.00 0.00 ? 1 CHD B H183   1 
HETATM 502 H H191   . CHD D 2 . ? 6.109   7.526   -4.577  1.00 0.00 ? 1 CHD B H191   1 
HETATM 503 H H192   . CHD D 2 . ? 7.680   7.470   -3.913  1.00 0.00 ? 1 CHD B H192   1 
HETATM 504 H H193   . CHD D 2 . ? 7.515   7.397   -5.651  1.00 0.00 ? 1 CHD B H193   1 
HETATM 505 H H20    . CHD D 2 . ? 0.270   8.977   -6.788  1.00 0.00 ? 1 CHD B H20    1 
HETATM 506 H H211   . CHD D 2 . ? 0.448   11.022  -8.899  1.00 0.00 ? 1 CHD B H211   1 
HETATM 507 H H212   . CHD D 2 . ? 0.851   9.329   -8.997  1.00 0.00 ? 1 CHD B H212   1 
HETATM 508 H H213   . CHD D 2 . ? 1.999   10.423  -8.394  1.00 0.00 ? 1 CHD B H213   1 
HETATM 509 H H221   . CHD D 2 . ? -0.778  11.778  -6.472  1.00 0.00 ? 1 CHD B H221   1 
HETATM 510 H H222   . CHD D 2 . ? -1.282  10.385  -5.778  1.00 0.00 ? 1 CHD B H222   1 
HETATM 511 H H231   . CHD D 2 . ? -1.362  10.941  -8.792  1.00 0.00 ? 1 CHD B H231   1 
HETATM 512 H H232   . CHD D 2 . ? -2.751  11.174  -7.727  1.00 0.00 ? 1 CHD B H232   1 
# 
